data_3ARG
#
_entry.id   3ARG
#
_cell.length_a   59.165
_cell.length_b   85.774
_cell.length_c   237.805
_cell.angle_alpha   90.00
_cell.angle_beta   90.00
_cell.angle_gamma   90.00
#
_symmetry.space_group_name_H-M   'P 21 21 21'
#
loop_
_entity.id
_entity.type
_entity.pdbx_description
1 polymer 'Antigen-presenting glycoprotein CD1d1'
2 polymer Beta-2-microglobulin
3 polymer 'NKT Valpha14-Jalpha18,NKT Valpha14-Jalpha18'
4 polymer Vbeta8.2,Vbeta8.2
5 branched 2-acetamido-2-deoxy-beta-D-glucopyranose-(1-4)-2-acetamido-2-deoxy-beta-D-glucopyranose
6 non-polymer 2-acetamido-2-deoxy-beta-D-glucopyranose
7 non-polymer (11E,14E)-N-[(2S,3S,4R)-1-(alpha-D-glucopyranosyloxy)-3,4-dihydroxyoctadecan-2-yl]icosa-11,14-dienamide
8 water water
#
loop_
_entity_poly.entity_id
_entity_poly.type
_entity_poly.pdbx_seq_one_letter_code
_entity_poly.pdbx_strand_id
1 'polypeptide(L)'
;SEAQQKNYTFRCLQMSSFANRSWSRTDSVVWLGDLQTHRWSNDSATISFTKPWSQGKLSNQQWEKLQHMFQVYRVSFTRD
IQELVKMMSPKEDYPIEIQLSAGCEMYPGNASESFLHVAFQGKYVVRFWGTSWQTVPGAPSWLDLPIKVLNADQGTSATV
QMLLNDTCPLFVRGLLEAGKSDLEKQEKPVAWLSSVPSSAHGHRQLVCHVSGFYPKPVWVMWMRGDQEQQGTHRGDFLPN
ADETWYLQATLDVEAGEEAGLACRVKHSSLGGQDIILYWGSLHHILDAQKMVWNHRHHHHHH
;
A
2 'polypeptide(L)'
;IQKTPQIQVYSRHPPENGKPNILNCYVTQFHPPHIEIQMLKNGKKIPKVEMSDMSFSKDWSFYILAHTEFTPTETDTYAC
RVKHASMAEPKTVYWDRDM
;
B
3 'polypeptide(L)'
;TQVEQSPQSLVVRQGENSVLQCNYSVTPDNHLRWFKQDTGKGLVSLTVLVDQKDKTSNGRYSATLDKDAKHSTLHITATL
LDDTATYICVVGDRGSALGRLHFGAGTQLIVIPDIQNPDPAVYQLRDSKSSDKSVCLFTDFDSQTNVSQSKDSDVYITDK
CVLDMRSMDFKSNSAVAWSNKSDFACANAFNNSIIPEDTFFPSPESS
;
C
4 'polypeptide(L)'
;EAAVTQSPRNKVAVTGGKVTLSCNQTNNHNNMYWYRQDTGHGLRLIHYSYGAGSTEKGDIPDGYKASRPSQENFSLILEL
ATPSQTSVYFCASGDAGGNYAEQFFGPGTRLTVLEDLKNVFPPEVAVFEPSEAEISHTQKATLVCLATGFYPDHVELSWW
VNGKEVHSGVCTDPQPLKEQPALNDSRYALSSRLRVSATFWQNPRNHFRCQVQFYGLSENDEWTQDRAKPVTQIVSAEAW
GRAD
;
D
#
loop_
_chem_comp.id
_chem_comp.type
_chem_comp.name
_chem_comp.formula
DB6 non-polymer (11E,14E)-N-[(2S,3S,4R)-1-(alpha-D-glucopyranosyloxy)-3,4-dihydroxyoctadecan-2-yl]icosa-11,14-dienamide 'C44 H83 N O9'
NAG D-saccharide, beta linking 2-acetamido-2-deoxy-beta-D-glucopyranose 'C8 H15 N O6'
#
# COMPACT_ATOMS: atom_id res chain seq x y z
N ASN A 7 14.79 33.30 -22.41
CA ASN A 7 13.95 32.59 -21.40
C ASN A 7 13.21 31.38 -21.97
N TYR A 8 13.28 30.26 -21.26
CA TYR A 8 12.72 28.99 -21.74
C TYR A 8 11.90 28.26 -20.69
N THR A 9 10.65 27.92 -21.04
CA THR A 9 9.73 27.26 -20.12
C THR A 9 9.90 25.74 -20.16
N PHE A 10 10.34 25.17 -19.04
CA PHE A 10 10.59 23.74 -18.91
C PHE A 10 9.35 23.07 -18.35
N ARG A 11 8.77 22.16 -19.11
CA ARG A 11 7.49 21.55 -18.75
C ARG A 11 7.58 20.04 -18.57
N CYS A 12 7.12 19.56 -17.42
CA CYS A 12 6.94 18.13 -17.16
C CYS A 12 5.47 17.80 -17.27
N LEU A 13 5.13 16.96 -18.25
CA LEU A 13 3.75 16.61 -18.53
C LEU A 13 3.48 15.14 -18.25
N GLN A 14 2.54 14.87 -17.36
CA GLN A 14 2.16 13.51 -17.02
C GLN A 14 0.66 13.31 -17.19
N MET A 15 0.30 12.23 -17.87
CA MET A 15 -1.09 11.83 -18.07
C MET A 15 -1.30 10.41 -17.55
N SER A 16 -2.27 10.28 -16.65
CA SER A 16 -2.59 9.01 -16.03
C SER A 16 -4.05 8.67 -16.23
N SER A 17 -4.32 7.51 -16.83
CA SER A 17 -5.69 7.07 -17.07
C SER A 17 -6.03 5.84 -16.22
N PHE A 18 -7.09 5.97 -15.41
CA PHE A 18 -7.62 4.86 -14.63
C PHE A 18 -8.96 4.48 -15.25
N ALA A 19 -9.06 3.23 -15.73
CA ALA A 19 -10.28 2.76 -16.37
C ALA A 19 -11.30 2.26 -15.35
N ASN A 20 -10.84 1.37 -14.48
CA ASN A 20 -11.68 0.80 -13.41
C ASN A 20 -10.84 0.49 -12.16
N ARG A 21 -11.30 -0.50 -11.39
CA ARG A 21 -10.59 -0.95 -10.19
C ARG A 21 -9.20 -1.51 -10.51
N SER A 22 -9.14 -2.37 -11.54
CA SER A 22 -7.88 -3.04 -11.90
C SER A 22 -7.00 -2.24 -12.85
N TRP A 23 -7.57 -1.80 -13.98
CA TRP A 23 -6.83 -1.21 -15.09
C TRP A 23 -6.41 0.24 -14.86
N SER A 24 -5.13 0.53 -15.11
CA SER A 24 -4.58 1.89 -14.97
C SER A 24 -3.25 2.01 -15.71
N ARG A 25 -3.02 3.18 -16.34
CA ARG A 25 -1.72 3.45 -16.97
C ARG A 25 -1.26 4.91 -16.93
N THR A 26 0.07 5.11 -16.95
CA THR A 26 0.67 6.44 -16.77
C THR A 26 1.82 6.66 -17.74
N ASP A 27 1.73 7.72 -18.53
CA ASP A 27 2.80 8.11 -19.44
C ASP A 27 3.16 9.58 -19.25
N SER A 28 4.43 9.91 -19.48
CA SER A 28 4.95 11.26 -19.22
C SER A 28 5.94 11.75 -20.29
N VAL A 29 5.87 13.05 -20.59
CA VAL A 29 6.82 13.70 -21.51
C VAL A 29 7.45 14.97 -20.93
N VAL A 30 8.65 15.31 -21.39
CA VAL A 30 9.41 16.45 -20.86
C VAL A 30 9.89 17.39 -21.96
N TRP A 31 9.44 18.65 -21.90
CA TRP A 31 9.76 19.67 -22.91
C TRP A 31 10.61 20.81 -22.37
N LEU A 32 11.76 21.08 -22.99
CA LEU A 32 12.48 22.32 -22.79
C LEU A 32 12.21 23.22 -23.99
N GLY A 33 11.71 24.43 -23.72
CA GLY A 33 11.19 25.30 -24.76
C GLY A 33 10.06 24.55 -25.43
N ASP A 34 10.30 24.12 -26.67
CA ASP A 34 9.39 23.21 -27.39
C ASP A 34 10.17 21.99 -27.94
N LEU A 35 11.18 21.57 -27.19
CA LEU A 35 11.98 20.41 -27.56
C LEU A 35 11.84 19.29 -26.54
N GLN A 36 11.34 18.14 -26.99
CA GLN A 36 11.18 16.96 -26.16
C GLN A 36 12.55 16.42 -25.75
N THR A 37 12.75 16.26 -24.44
CA THR A 37 14.02 15.77 -23.91
C THR A 37 13.89 14.43 -23.17
N HIS A 38 12.71 14.16 -22.62
CA HIS A 38 12.50 12.91 -21.89
C HIS A 38 11.15 12.23 -22.17
N ARG A 39 11.21 10.90 -22.24
CA ARG A 39 10.07 10.05 -22.51
C ARG A 39 9.95 9.01 -21.38
N TRP A 40 8.74 8.81 -20.89
CA TRP A 40 8.50 7.77 -19.89
C TRP A 40 7.17 7.04 -20.09
N SER A 41 7.27 5.77 -20.46
CA SER A 41 6.13 4.94 -20.81
C SER A 41 5.67 4.06 -19.65
N ASN A 42 4.35 3.85 -19.53
CA ASN A 42 3.80 2.91 -18.56
C ASN A 42 4.36 1.50 -18.74
N ASP A 43 4.74 1.20 -19.98
CA ASP A 43 5.39 -0.07 -20.31
C ASP A 43 6.86 -0.07 -19.86
N SER A 44 7.47 1.11 -19.79
CA SER A 44 8.90 1.24 -19.53
C SER A 44 9.25 1.40 -18.05
N ALA A 45 10.40 0.84 -17.66
CA ALA A 45 10.85 0.82 -16.26
C ALA A 45 11.75 2.00 -15.90
N THR A 46 12.50 2.51 -16.87
CA THR A 46 13.42 3.64 -16.67
C THR A 46 13.06 4.82 -17.57
N ILE A 47 13.31 6.03 -17.08
CA ILE A 47 13.06 7.26 -17.86
C ILE A 47 14.03 7.36 -19.05
N SER A 48 13.45 7.44 -20.25
CA SER A 48 14.23 7.46 -21.50
C SER A 48 14.69 8.87 -21.85
N PHE A 49 15.95 8.98 -22.23
CA PHE A 49 16.50 10.20 -22.80
C PHE A 49 16.11 10.26 -24.28
N THR A 50 15.81 11.46 -24.78
CA THR A 50 15.43 11.63 -26.19
C THR A 50 16.40 12.54 -26.94
N LYS A 51 17.28 13.21 -26.20
CA LYS A 51 18.36 14.01 -26.77
C LYS A 51 19.72 13.51 -26.26
N PRO A 52 20.79 13.69 -27.05
CA PRO A 52 22.12 13.27 -26.58
C PRO A 52 22.74 14.24 -25.55
N TRP A 53 21.88 14.97 -24.84
CA TRP A 53 22.32 15.88 -23.79
C TRP A 53 21.27 16.06 -22.69
N SER A 54 20.24 15.22 -22.72
CA SER A 54 19.08 15.33 -21.83
C SER A 54 19.40 15.07 -20.36
N GLN A 55 20.54 14.45 -20.10
CA GLN A 55 21.04 14.22 -18.74
C GLN A 55 21.44 15.54 -18.06
N GLY A 56 21.78 16.54 -18.86
CA GLY A 56 22.20 17.84 -18.36
C GLY A 56 23.58 17.80 -17.73
N LYS A 57 23.84 18.72 -16.80
CA LYS A 57 25.10 18.73 -16.07
C LYS A 57 25.03 17.89 -14.80
N LEU A 58 24.28 16.79 -14.86
CA LEU A 58 24.15 15.85 -13.74
C LEU A 58 24.96 14.58 -13.96
N SER A 59 25.64 14.15 -12.88
CA SER A 59 26.40 12.90 -12.90
C SER A 59 25.47 11.69 -12.76
N ASN A 60 25.95 10.53 -13.20
CA ASN A 60 25.18 9.28 -13.13
C ASN A 60 24.54 9.04 -11.76
N GLN A 61 25.31 9.31 -10.71
CA GLN A 61 24.83 9.20 -9.32
C GLN A 61 23.70 10.17 -9.04
N GLN A 62 23.85 11.42 -9.49
CA GLN A 62 22.81 12.43 -9.32
C GLN A 62 21.56 12.07 -10.09
N TRP A 63 21.75 11.39 -11.23
CA TRP A 63 20.64 11.00 -12.09
C TRP A 63 19.92 9.75 -11.60
N GLU A 64 20.67 8.70 -11.27
CA GLU A 64 20.09 7.43 -10.81
C GLU A 64 19.24 7.61 -9.56
N LYS A 65 19.70 8.50 -8.66
CA LYS A 65 18.94 8.85 -7.45
C LYS A 65 17.62 9.53 -7.77
N LEU A 66 17.64 10.44 -8.75
CA LEU A 66 16.43 11.15 -9.17
C LEU A 66 15.45 10.25 -9.90
N GLN A 67 15.98 9.38 -10.76
CA GLN A 67 15.16 8.43 -11.50
C GLN A 67 14.46 7.51 -10.52
N HIS A 68 15.20 7.05 -9.50
CA HIS A 68 14.64 6.24 -8.42
C HIS A 68 13.55 6.98 -7.65
N MET A 69 13.73 8.30 -7.49
CA MET A 69 12.77 9.15 -6.79
C MET A 69 11.42 9.12 -7.50
N PHE A 70 11.47 9.23 -8.83
CA PHE A 70 10.26 9.18 -9.65
C PHE A 70 9.76 7.76 -9.82
N GLN A 71 10.68 6.80 -9.90
CA GLN A 71 10.31 5.38 -10.03
C GLN A 71 9.37 4.94 -8.90
N VAL A 72 9.70 5.35 -7.67
CA VAL A 72 8.85 5.07 -6.51
C VAL A 72 7.54 5.85 -6.60
N TYR A 73 7.63 7.09 -7.06
CA TYR A 73 6.45 7.94 -7.19
C TYR A 73 5.38 7.34 -8.11
N ARG A 74 5.81 6.83 -9.27
CA ARG A 74 4.86 6.32 -10.26
C ARG A 74 3.90 5.32 -9.66
N VAL A 75 4.43 4.30 -8.99
CA VAL A 75 3.61 3.29 -8.34
C VAL A 75 2.77 3.92 -7.23
N SER A 76 3.46 4.61 -6.33
CA SER A 76 2.82 5.26 -5.17
C SER A 76 1.63 6.14 -5.57
N PHE A 77 1.78 6.88 -6.67
CA PHE A 77 0.74 7.77 -7.17
C PHE A 77 -0.49 7.00 -7.62
N THR A 78 -0.28 6.02 -8.50
CA THR A 78 -1.33 5.13 -8.98
C THR A 78 -2.13 4.58 -7.79
N ARG A 79 -1.40 3.98 -6.85
CA ARG A 79 -2.00 3.29 -5.70
C ARG A 79 -2.71 4.24 -4.72
N ASP A 80 -2.30 5.50 -4.71
CA ASP A 80 -2.94 6.51 -3.87
C ASP A 80 -4.29 6.93 -4.44
N ILE A 81 -4.30 7.27 -5.74
CA ILE A 81 -5.50 7.74 -6.40
C ILE A 81 -6.62 6.72 -6.21
N GLN A 82 -6.37 5.46 -6.57
CA GLN A 82 -7.38 4.41 -6.50
C GLN A 82 -7.92 4.17 -5.08
N GLU A 83 -7.21 4.67 -4.07
CA GLU A 83 -7.70 4.67 -2.70
C GLU A 83 -8.58 5.89 -2.44
N LEU A 84 -8.16 7.04 -2.98
CA LEU A 84 -8.94 8.27 -2.89
C LEU A 84 -10.32 8.11 -3.52
N VAL A 85 -10.36 7.35 -4.62
CA VAL A 85 -11.61 6.96 -5.27
C VAL A 85 -12.48 6.10 -4.35
N LYS A 86 -11.84 5.13 -3.68
CA LYS A 86 -12.53 4.26 -2.73
C LYS A 86 -13.15 5.04 -1.58
N MET A 87 -12.52 6.14 -1.20
CA MET A 87 -13.04 7.02 -0.16
C MET A 87 -14.37 7.63 -0.60
N MET A 88 -14.37 8.16 -1.83
CA MET A 88 -15.49 8.93 -2.37
C MET A 88 -16.63 8.03 -2.82
N PRO A 90 -19.38 6.63 -2.93
CA PRO A 90 -20.02 6.68 -4.24
C PRO A 90 -19.76 7.99 -5.00
N LYS A 91 -19.36 9.04 -4.27
CA LYS A 91 -19.22 10.41 -4.81
C LYS A 91 -18.66 10.49 -6.23
N GLU A 92 -17.38 10.16 -6.40
CA GLU A 92 -16.74 10.12 -7.72
C GLU A 92 -16.72 8.69 -8.28
N ASP A 93 -16.76 8.57 -9.60
CA ASP A 93 -16.82 7.27 -10.28
C ASP A 93 -15.82 7.14 -11.44
N TYR A 94 -15.53 5.90 -11.83
CA TYR A 94 -14.64 5.61 -12.96
C TYR A 94 -15.33 5.84 -14.31
N PRO A 95 -14.56 6.08 -15.39
CA PRO A 95 -13.09 6.16 -15.47
C PRO A 95 -12.57 7.58 -15.28
N ILE A 96 -11.34 7.70 -14.76
CA ILE A 96 -10.79 8.99 -14.33
C ILE A 96 -9.50 9.35 -15.07
N GLU A 97 -9.30 10.65 -15.32
CA GLU A 97 -8.14 11.12 -16.07
C GLU A 97 -7.31 12.16 -15.30
N ILE A 98 -6.16 11.71 -14.80
CA ILE A 98 -5.24 12.58 -14.06
C ILE A 98 -4.19 13.22 -14.97
N GLN A 99 -4.02 14.53 -14.84
CA GLN A 99 -3.06 15.28 -15.64
C GLN A 99 -2.20 16.20 -14.77
N LEU A 100 -0.92 15.87 -14.69
CA LEU A 100 0.01 16.68 -13.92
C LEU A 100 0.87 17.51 -14.86
N SER A 101 1.00 18.78 -14.52
CA SER A 101 1.78 19.74 -15.29
C SER A 101 2.74 20.44 -14.34
N ALA A 102 3.96 19.93 -14.27
CA ALA A 102 4.99 20.49 -13.40
C ALA A 102 5.94 21.35 -14.21
N GLY A 103 7.01 21.80 -13.57
CA GLY A 103 8.06 22.53 -14.25
C GLY A 103 8.32 23.92 -13.70
N CYS A 104 9.19 24.65 -14.39
CA CYS A 104 9.59 26.00 -14.00
C CYS A 104 10.13 26.75 -15.19
N GLU A 105 9.82 28.04 -15.26
CA GLU A 105 10.36 28.92 -16.28
C GLU A 105 11.65 29.57 -15.77
N MET A 106 12.68 29.55 -16.60
CA MET A 106 13.94 30.23 -16.27
C MET A 106 13.95 31.62 -16.91
N TYR A 107 14.27 32.63 -16.11
CA TYR A 107 14.24 34.03 -16.56
C TYR A 107 15.65 34.56 -16.80
N ASN A 110 18.86 34.52 -13.47
CA ASN A 110 18.92 33.49 -12.44
C ASN A 110 17.63 33.39 -11.61
N ALA A 111 16.54 33.99 -12.12
CA ALA A 111 15.25 33.95 -11.44
C ALA A 111 14.36 32.87 -12.06
N SER A 112 13.59 32.19 -11.21
CA SER A 112 12.68 31.15 -11.69
C SER A 112 11.36 31.11 -10.94
N GLU A 113 10.31 30.74 -11.66
CA GLU A 113 8.99 30.51 -11.08
C GLU A 113 8.60 29.07 -11.34
N SER A 114 8.67 28.23 -10.30
CA SER A 114 8.25 26.84 -10.42
C SER A 114 6.76 26.71 -10.19
N PHE A 115 6.17 25.68 -10.79
CA PHE A 115 4.72 25.45 -10.69
C PHE A 115 4.41 23.95 -10.74
N LEU A 116 3.34 23.56 -10.07
CA LEU A 116 2.83 22.20 -10.20
C LEU A 116 1.31 22.20 -10.22
N HIS A 117 0.75 22.11 -11.43
CA HIS A 117 -0.69 22.14 -11.63
C HIS A 117 -1.25 20.74 -11.85
N VAL A 118 -2.40 20.46 -11.24
CA VAL A 118 -3.09 19.17 -11.41
C VAL A 118 -4.49 19.39 -11.94
N ALA A 119 -4.85 18.61 -12.96
CA ALA A 119 -6.13 18.70 -13.63
C ALA A 119 -6.92 17.41 -13.49
N PHE A 120 -8.22 17.56 -13.17
CA PHE A 120 -9.12 16.42 -12.97
C PHE A 120 -10.21 16.39 -14.04
N GLN A 121 -10.15 15.38 -14.90
CA GLN A 121 -11.09 15.21 -16.02
C GLN A 121 -11.04 16.34 -17.06
N GLY A 122 -9.89 17.01 -17.15
CA GLY A 122 -9.71 18.09 -18.10
C GLY A 122 -9.75 19.47 -17.48
N LYS A 123 -10.41 19.60 -16.33
CA LYS A 123 -10.44 20.85 -15.61
C LYS A 123 -9.31 20.90 -14.59
N TYR A 124 -8.60 22.03 -14.57
CA TYR A 124 -7.53 22.28 -13.60
C TYR A 124 -8.14 22.68 -12.26
N VAL A 125 -7.86 21.87 -11.24
CA VAL A 125 -8.49 22.02 -9.92
C VAL A 125 -7.52 22.15 -8.75
N VAL A 126 -6.38 21.49 -8.85
CA VAL A 126 -5.44 21.43 -7.74
C VAL A 126 -4.05 21.88 -8.19
N ARG A 127 -3.37 22.59 -7.30
CA ARG A 127 -1.99 22.99 -7.51
C ARG A 127 -1.22 22.77 -6.21
N PHE A 128 0.10 22.82 -6.29
CA PHE A 128 0.91 22.89 -5.09
C PHE A 128 1.24 24.35 -4.84
N TRP A 129 1.10 24.78 -3.60
CA TRP A 129 1.42 26.14 -3.22
C TRP A 129 1.95 26.21 -1.80
N GLY A 130 3.01 27.00 -1.61
CA GLY A 130 3.68 27.11 -0.33
C GLY A 130 4.29 25.80 0.12
N THR A 131 3.63 25.16 1.09
CA THR A 131 4.11 23.92 1.68
C THR A 131 3.08 22.79 1.62
N SER A 132 2.08 22.95 0.75
CA SER A 132 0.99 21.98 0.66
C SER A 132 0.27 21.99 -0.68
N TRP A 133 -0.67 21.07 -0.85
CA TRP A 133 -1.57 21.06 -1.99
C TRP A 133 -2.71 22.06 -1.76
N GLN A 134 -3.26 22.57 -2.84
CA GLN A 134 -4.30 23.60 -2.77
C GLN A 134 -5.42 23.39 -3.79
N THR A 135 -6.66 23.59 -3.35
CA THR A 135 -7.77 23.76 -4.30
C THR A 135 -7.72 25.18 -4.81
N VAL A 136 -8.26 25.40 -6.01
CA VAL A 136 -8.24 26.70 -6.65
C VAL A 136 -9.55 27.46 -6.42
N PRO A 137 -9.60 28.73 -6.84
CA PRO A 137 -10.90 29.36 -7.05
C PRO A 137 -11.69 28.64 -8.15
N GLY A 138 -13.00 28.44 -7.92
CA GLY A 138 -13.86 27.79 -8.90
C GLY A 138 -13.91 26.27 -8.80
N ALA A 139 -12.96 25.71 -8.06
CA ALA A 139 -12.87 24.26 -7.81
C ALA A 139 -14.08 23.74 -7.01
N PRO A 140 -14.42 22.44 -7.18
CA PRO A 140 -15.51 21.85 -6.40
C PRO A 140 -15.08 21.44 -4.99
N SER A 141 -16.04 21.43 -4.07
CA SER A 141 -15.78 21.23 -2.64
C SER A 141 -15.53 19.77 -2.23
N TRP A 142 -15.88 18.82 -3.10
CA TRP A 142 -15.64 17.41 -2.81
C TRP A 142 -14.16 17.05 -2.93
N LEU A 143 -13.37 17.99 -3.45
CA LEU A 143 -11.92 17.84 -3.54
C LEU A 143 -11.22 18.28 -2.24
N ASP A 144 -11.99 18.67 -1.23
CA ASP A 144 -11.45 19.16 0.04
C ASP A 144 -10.86 18.04 0.89
N LEU A 145 -11.68 17.03 1.22
CA LEU A 145 -11.23 15.90 2.04
C LEU A 145 -10.01 15.18 1.45
N PRO A 146 -9.97 14.98 0.11
CA PRO A 146 -8.76 14.47 -0.52
C PRO A 146 -7.52 15.32 -0.25
N ILE A 147 -7.69 16.64 -0.24
CA ILE A 147 -6.59 17.56 0.07
C ILE A 147 -6.18 17.44 1.53
N LYS A 148 -7.17 17.42 2.42
CA LYS A 148 -6.92 17.26 3.86
C LYS A 148 -6.19 15.96 4.18
N VAL A 149 -6.48 14.92 3.40
CA VAL A 149 -5.81 13.63 3.53
C VAL A 149 -4.37 13.68 3.03
N LEU A 150 -4.16 14.38 1.91
CA LEU A 150 -2.84 14.48 1.28
C LEU A 150 -1.91 15.45 2.00
N ASN A 151 -2.49 16.48 2.63
CA ASN A 151 -1.71 17.48 3.34
C ASN A 151 -1.23 16.97 4.70
N ALA A 152 -1.75 15.81 5.11
CA ALA A 152 -1.32 15.14 6.34
C ALA A 152 0.10 14.60 6.22
N ASP A 153 0.48 14.19 5.01
CA ASP A 153 1.83 13.70 4.72
C ASP A 153 2.82 14.85 4.53
N GLN A 154 3.58 15.15 5.58
CA GLN A 154 4.63 16.18 5.50
C GLN A 154 5.87 15.68 4.76
N GLY A 155 6.14 14.38 4.88
CA GLY A 155 7.29 13.75 4.22
C GLY A 155 7.32 13.92 2.71
N THR A 156 6.16 13.79 2.07
CA THR A 156 6.02 14.02 0.64
C THR A 156 6.08 15.53 0.37
N SER A 157 5.32 16.28 1.16
CA SER A 157 5.26 17.73 1.04
C SER A 157 6.66 18.34 1.11
N ALA A 158 7.55 17.69 1.84
CA ALA A 158 8.94 18.10 1.93
C ALA A 158 9.67 17.84 0.62
N THR A 159 9.68 16.58 0.19
CA THR A 159 10.41 16.16 -1.01
C THR A 159 9.97 16.86 -2.29
N VAL A 160 8.71 17.32 -2.32
CA VAL A 160 8.21 18.12 -3.44
C VAL A 160 8.87 19.50 -3.45
N GLN A 161 8.86 20.17 -2.30
CA GLN A 161 9.47 21.50 -2.15
C GLN A 161 10.94 21.50 -2.57
N MET A 162 11.65 20.43 -2.22
CA MET A 162 13.05 20.25 -2.63
C MET A 162 13.20 20.37 -4.14
N LEU A 163 12.39 19.62 -4.89
CA LEU A 163 12.42 19.63 -6.35
C LEU A 163 11.99 20.98 -6.95
N LEU A 164 10.95 21.57 -6.38
CA LEU A 164 10.40 22.83 -6.87
C LEU A 164 11.28 24.04 -6.55
N ASN A 165 11.57 24.25 -5.27
CA ASN A 165 12.33 25.43 -4.82
C ASN A 165 13.79 25.50 -5.29
N ASP A 166 14.45 24.34 -5.38
CA ASP A 166 15.91 24.33 -5.59
C ASP A 166 16.45 23.39 -6.67
N THR A 167 15.82 22.22 -6.85
CA THR A 167 16.36 21.22 -7.78
C THR A 167 16.12 21.52 -9.26
N CYS A 168 14.89 21.92 -9.60
CA CYS A 168 14.54 22.21 -11.01
C CYS A 168 15.50 23.21 -11.68
N PRO A 169 15.79 24.35 -11.01
CA PRO A 169 16.67 25.32 -11.67
C PRO A 169 18.13 24.87 -11.72
N LEU A 170 18.58 24.13 -10.70
CA LEU A 170 19.93 23.56 -10.68
C LEU A 170 20.08 22.52 -11.79
N PHE A 171 18.93 22.06 -12.29
CA PHE A 171 18.88 21.09 -13.37
C PHE A 171 18.68 21.80 -14.71
N VAL A 172 17.64 22.63 -14.79
CA VAL A 172 17.29 23.36 -16.03
C VAL A 172 18.43 24.25 -16.54
N ARG A 173 19.01 25.06 -15.64
CA ARG A 173 20.16 25.90 -15.99
C ARG A 173 21.30 25.05 -16.53
N GLY A 174 21.31 23.78 -16.12
CA GLY A 174 22.23 22.80 -16.65
C GLY A 174 21.92 22.42 -18.09
N LEU A 175 20.64 22.19 -18.39
CA LEU A 175 20.22 21.83 -19.75
C LEU A 175 20.47 22.92 -20.78
N LEU A 176 20.06 24.14 -20.47
CA LEU A 176 20.30 25.31 -21.32
C LEU A 176 21.76 25.42 -21.70
N GLU A 177 22.64 25.30 -20.71
CA GLU A 177 24.08 25.33 -20.93
C GLU A 177 24.58 24.12 -21.72
N ALA A 178 23.90 22.99 -21.56
CA ALA A 178 24.29 21.75 -22.24
C ALA A 178 23.95 21.82 -23.73
N GLY A 179 22.65 21.89 -24.03
CA GLY A 179 22.19 21.91 -25.41
C GLY A 179 22.10 23.30 -26.02
N LYS A 180 23.13 24.11 -25.82
CA LYS A 180 23.18 25.44 -26.41
C LYS A 180 23.22 25.34 -27.93
N SER A 181 24.02 24.39 -28.42
CA SER A 181 24.20 24.18 -29.87
C SER A 181 22.94 23.66 -30.57
N ASP A 182 22.21 22.78 -29.90
CA ASP A 182 20.93 22.26 -30.42
C ASP A 182 19.80 23.27 -30.37
N LEU A 183 19.73 24.03 -29.27
CA LEU A 183 18.67 25.03 -29.11
C LEU A 183 18.88 26.25 -30.02
N GLU A 184 20.12 26.49 -30.42
CA GLU A 184 20.44 27.62 -31.30
C GLU A 184 20.43 27.28 -32.80
N LYS A 185 20.08 26.03 -33.13
CA LYS A 185 20.11 25.53 -34.50
C LYS A 185 19.14 26.25 -35.43
N GLN A 186 19.66 26.78 -36.54
CA GLN A 186 18.89 27.56 -37.50
C GLN A 186 18.54 26.72 -38.73
N GLU A 187 17.27 26.80 -39.15
CA GLU A 187 16.81 26.02 -40.31
C GLU A 187 16.11 26.88 -41.36
N LYS A 188 16.43 26.62 -42.62
CA LYS A 188 15.86 27.34 -43.76
C LYS A 188 14.41 26.91 -44.06
N PRO A 189 13.46 27.86 -44.04
CA PRO A 189 12.14 27.47 -44.50
C PRO A 189 12.10 27.31 -46.03
N VAL A 190 11.24 26.40 -46.49
CA VAL A 190 10.98 26.22 -47.92
C VAL A 190 9.53 26.65 -48.14
N ALA A 191 9.24 27.27 -49.28
CA ALA A 191 7.90 27.79 -49.50
C ALA A 191 7.32 27.53 -50.89
N TRP A 192 5.99 27.42 -50.95
CA TRP A 192 5.24 27.19 -52.19
C TRP A 192 3.80 27.72 -52.10
N LEU A 193 3.17 27.94 -53.27
CA LEU A 193 1.81 28.49 -53.33
C LEU A 193 0.78 27.49 -53.88
N SER A 194 -0.49 27.83 -53.70
CA SER A 194 -1.61 27.10 -54.27
C SER A 194 -2.85 27.94 -54.08
N SER A 195 -3.99 27.46 -54.56
CA SER A 195 -5.25 28.13 -54.32
C SER A 195 -6.42 27.16 -54.24
N VAL A 196 -7.47 27.63 -53.58
CA VAL A 196 -8.68 26.86 -53.36
C VAL A 196 -9.84 27.81 -53.58
N PRO A 197 -10.99 27.29 -54.04
CA PRO A 197 -12.19 28.13 -54.07
C PRO A 197 -12.57 28.56 -52.66
N SER A 198 -12.69 29.87 -52.45
CA SER A 198 -13.11 30.42 -51.16
C SER A 198 -14.51 29.93 -50.79
N SER A 199 -14.84 30.04 -49.50
CA SER A 199 -16.21 29.79 -49.02
C SER A 199 -17.21 30.81 -49.59
N ALA A 200 -16.69 31.84 -50.25
CA ALA A 200 -17.51 32.87 -50.90
C ALA A 200 -17.63 32.68 -52.42
N HIS A 201 -18.63 33.31 -53.02
CA HIS A 201 -18.86 33.25 -54.46
C HIS A 201 -17.93 34.20 -55.22
N GLY A 202 -17.21 33.66 -56.20
CA GLY A 202 -16.32 34.46 -57.05
C GLY A 202 -15.04 34.88 -56.37
N HIS A 203 -14.65 34.13 -55.34
CA HIS A 203 -13.42 34.38 -54.59
C HIS A 203 -12.47 33.18 -54.62
N ARG A 204 -11.21 33.44 -54.28
CA ARG A 204 -10.17 32.44 -54.26
C ARG A 204 -9.30 32.64 -53.02
N GLN A 205 -8.98 31.56 -52.32
CA GLN A 205 -8.05 31.65 -51.20
C GLN A 205 -6.68 31.28 -51.73
N LEU A 206 -5.68 32.10 -51.42
CA LEU A 206 -4.32 31.81 -51.85
C LEU A 206 -3.52 31.27 -50.68
N VAL A 207 -3.42 29.96 -50.61
CA VAL A 207 -2.53 29.32 -49.66
C VAL A 207 -1.06 29.64 -49.99
N CYS A 208 -0.29 29.98 -48.97
CA CYS A 208 1.14 30.05 -49.08
C CYS A 208 1.69 29.14 -47.99
N HIS A 209 2.54 28.21 -48.38
CA HIS A 209 3.06 27.21 -47.45
C HIS A 209 4.47 27.56 -47.03
N VAL A 210 4.77 27.40 -45.74
CA VAL A 210 6.14 27.51 -45.23
C VAL A 210 6.47 26.26 -44.40
N SER A 211 7.55 25.56 -44.74
CA SER A 211 7.86 24.29 -44.10
C SER A 211 9.35 24.06 -43.89
N GLY A 212 9.70 23.55 -42.71
CA GLY A 212 11.04 23.04 -42.43
C GLY A 212 11.98 23.95 -41.67
N PHE A 213 11.44 24.98 -41.03
CA PHE A 213 12.27 25.97 -40.36
C PHE A 213 12.38 25.75 -38.86
N TYR A 214 13.42 26.33 -38.27
CA TYR A 214 13.67 26.37 -36.83
C TYR A 214 14.60 27.56 -36.55
N PRO A 215 14.36 28.30 -35.46
CA PRO A 215 13.29 28.22 -34.45
C PRO A 215 11.89 28.60 -34.95
N LYS A 216 10.95 28.68 -34.00
CA LYS A 216 9.53 28.85 -34.28
C LYS A 216 9.13 30.20 -34.88
N PRO A 217 9.66 31.33 -34.34
CA PRO A 217 9.15 32.62 -34.79
C PRO A 217 9.48 32.93 -36.24
N VAL A 218 8.43 33.01 -37.06
CA VAL A 218 8.52 33.31 -38.48
C VAL A 218 7.50 34.39 -38.84
N TRP A 219 7.77 35.10 -39.93
CA TRP A 219 6.98 36.24 -40.37
C TRP A 219 6.58 36.01 -41.82
N VAL A 220 5.28 35.92 -42.07
CA VAL A 220 4.76 35.72 -43.42
C VAL A 220 3.67 36.75 -43.71
N MET A 221 3.81 37.47 -44.82
CA MET A 221 2.81 38.43 -45.24
C MET A 221 2.69 38.45 -46.76
N TRP A 222 1.47 38.41 -47.26
CA TRP A 222 1.22 38.66 -48.68
C TRP A 222 1.39 40.15 -48.96
N MET A 223 1.94 40.47 -50.13
CA MET A 223 2.37 41.83 -50.44
C MET A 223 1.94 42.28 -51.83
N ARG A 224 1.59 43.56 -51.95
CA ARG A 224 1.55 44.25 -53.24
C ARG A 224 2.67 45.27 -53.22
N GLY A 225 3.90 44.79 -53.42
CA GLY A 225 5.08 45.64 -53.38
C GLY A 225 5.40 46.08 -51.96
N ASP A 226 5.31 47.38 -51.71
CA ASP A 226 5.58 47.92 -50.38
C ASP A 226 4.40 47.79 -49.44
N GLN A 227 3.23 47.44 -49.99
CA GLN A 227 2.00 47.34 -49.20
C GLN A 227 1.78 45.94 -48.64
N GLU A 228 1.61 45.87 -47.33
CA GLU A 228 1.28 44.63 -46.65
C GLU A 228 -0.20 44.34 -46.78
N GLN A 229 -0.54 43.15 -47.29
CA GLN A 229 -1.94 42.75 -47.47
C GLN A 229 -2.62 42.40 -46.14
N GLN A 230 -3.58 43.24 -45.74
CA GLN A 230 -4.15 43.18 -44.40
C GLN A 230 -5.06 41.99 -44.13
N GLY A 231 -5.55 41.35 -45.18
CA GLY A 231 -6.34 40.14 -45.04
C GLY A 231 -5.48 38.89 -44.99
N THR A 232 -4.17 39.05 -44.78
CA THR A 232 -3.28 37.92 -44.60
C THR A 232 -3.64 37.27 -43.29
N HIS A 233 -3.87 35.96 -43.31
CA HIS A 233 -4.26 35.22 -42.13
C HIS A 233 -3.22 34.18 -41.76
N ARG A 234 -2.59 34.38 -40.60
CA ARG A 234 -1.63 33.44 -40.08
C ARG A 234 -2.32 32.13 -39.71
N GLY A 235 -1.69 31.01 -40.07
CA GLY A 235 -2.17 29.69 -39.68
C GLY A 235 -1.73 29.40 -38.27
N ASP A 236 -1.91 28.15 -37.83
CA ASP A 236 -1.33 27.70 -36.57
C ASP A 236 -0.10 26.85 -36.87
N PHE A 237 1.01 27.10 -36.16
CA PHE A 237 2.24 26.29 -36.34
C PHE A 237 1.95 24.78 -36.25
N LEU A 238 2.53 24.00 -37.16
CA LEU A 238 2.33 22.56 -37.17
C LEU A 238 3.67 21.80 -37.18
N PRO A 239 3.78 20.75 -36.35
CA PRO A 239 5.02 19.97 -36.20
C PRO A 239 5.33 19.04 -37.37
N ASN A 240 6.61 18.74 -37.59
CA ASN A 240 7.02 17.83 -38.66
C ASN A 240 7.68 16.54 -38.18
N ASP A 242 11.67 16.31 -38.61
CA ASP A 242 11.60 16.11 -37.17
C ASP A 242 12.00 17.38 -36.42
N GLU A 243 11.11 17.87 -35.55
CA GLU A 243 11.34 19.03 -34.69
C GLU A 243 11.33 20.36 -35.44
N THR A 244 11.14 20.31 -36.75
CA THR A 244 10.97 21.50 -37.57
C THR A 244 9.55 22.07 -37.43
N TRP A 245 9.20 23.03 -38.29
CA TRP A 245 7.91 23.74 -38.18
C TRP A 245 7.20 24.00 -39.50
N TYR A 246 5.89 23.82 -39.50
CA TYR A 246 5.09 24.08 -40.68
C TYR A 246 4.04 25.16 -40.40
N LEU A 247 3.85 26.04 -41.37
CA LEU A 247 2.93 27.14 -41.26
C LEU A 247 2.38 27.51 -42.64
N GLN A 248 1.13 27.94 -42.70
CA GLN A 248 0.58 28.48 -43.93
C GLN A 248 -0.12 29.81 -43.70
N ALA A 249 -0.05 30.69 -44.70
CA ALA A 249 -0.64 32.03 -44.62
C ALA A 249 -1.55 32.28 -45.80
N THR A 250 -2.84 32.35 -45.51
CA THR A 250 -3.87 32.45 -46.54
C THR A 250 -4.16 33.91 -46.88
N LEU A 251 -4.69 34.12 -48.08
CA LEU A 251 -5.21 35.41 -48.50
C LEU A 251 -6.38 35.20 -49.45
N ASP A 252 -7.51 35.84 -49.11
CA ASP A 252 -8.73 35.79 -49.91
C ASP A 252 -8.67 36.90 -50.95
N VAL A 253 -8.87 36.53 -52.21
CA VAL A 253 -8.76 37.45 -53.34
C VAL A 253 -9.99 37.35 -54.24
N GLU A 254 -10.37 38.48 -54.83
CA GLU A 254 -11.48 38.51 -55.78
C GLU A 254 -10.91 38.03 -57.12
N ALA A 255 -11.47 36.93 -57.62
CA ALA A 255 -10.93 36.25 -58.81
C ALA A 255 -10.64 37.23 -59.96
N GLY A 256 -9.37 37.36 -60.29
CA GLY A 256 -8.93 38.38 -61.23
C GLY A 256 -7.86 39.29 -60.64
N GLU A 257 -7.68 39.22 -59.32
CA GLU A 257 -6.68 40.00 -58.59
C GLU A 257 -5.45 39.17 -58.19
N GLU A 258 -5.43 37.90 -58.60
CA GLU A 258 -4.33 36.98 -58.27
C GLU A 258 -2.98 37.58 -58.61
N ALA A 259 -2.89 38.20 -59.79
CA ALA A 259 -1.63 38.70 -60.32
C ALA A 259 -1.11 39.93 -59.58
N GLY A 260 0.21 40.04 -59.50
CA GLY A 260 0.88 41.18 -58.87
C GLY A 260 1.11 40.99 -57.38
N LEU A 261 0.68 39.85 -56.86
CA LEU A 261 0.81 39.52 -55.44
C LEU A 261 2.06 38.71 -55.16
N ALA A 262 2.46 38.67 -53.89
CA ALA A 262 3.67 37.97 -53.49
C ALA A 262 3.64 37.50 -52.04
N CYS A 263 4.01 36.25 -51.82
CA CYS A 263 4.20 35.72 -50.47
C CYS A 263 5.62 35.98 -50.02
N ARG A 264 5.77 36.78 -48.97
CA ARG A 264 7.09 37.14 -48.45
C ARG A 264 7.32 36.49 -47.09
N VAL A 265 8.47 35.84 -46.93
CA VAL A 265 8.79 35.13 -45.70
C VAL A 265 10.09 35.63 -45.06
N LYS A 266 9.98 36.22 -43.88
CA LYS A 266 11.13 36.67 -43.10
C LYS A 266 11.41 35.70 -41.95
N HIS A 267 12.67 35.28 -41.85
CA HIS A 267 13.12 34.35 -40.82
C HIS A 267 14.57 34.61 -40.41
N SER A 268 14.85 34.46 -39.13
CA SER A 268 16.19 34.68 -38.56
C SER A 268 17.33 33.92 -39.25
N SER A 269 17.01 32.77 -39.84
CA SER A 269 18.01 31.89 -40.46
C SER A 269 18.40 32.30 -41.89
N LEU A 270 17.70 33.29 -42.43
CA LEU A 270 17.98 33.81 -43.77
C LEU A 270 19.07 34.88 -43.72
N GLY A 271 19.02 35.72 -42.68
CA GLY A 271 20.01 36.76 -42.46
C GLY A 271 19.83 37.95 -43.39
N GLY A 272 18.59 38.45 -43.47
CA GLY A 272 18.28 39.60 -44.32
C GLY A 272 18.33 39.30 -45.81
N GLN A 273 17.67 38.22 -46.20
CA GLN A 273 17.56 37.80 -47.60
C GLN A 273 16.35 36.87 -47.71
N ASP A 274 15.19 37.48 -47.92
CA ASP A 274 13.89 36.83 -47.75
C ASP A 274 13.44 35.97 -48.92
N ILE A 275 12.76 34.88 -48.58
CA ILE A 275 12.04 34.05 -49.55
C ILE A 275 10.86 34.87 -50.06
N ILE A 276 10.87 35.16 -51.37
CA ILE A 276 9.80 35.96 -51.99
C ILE A 276 9.18 35.20 -53.16
N LEU A 277 7.90 34.86 -53.02
CA LEU A 277 7.19 34.08 -54.03
C LEU A 277 6.12 34.88 -54.76
N TYR A 278 6.35 35.13 -56.05
CA TYR A 278 5.43 35.87 -56.88
C TYR A 278 4.39 34.97 -57.51
N TRP A 279 3.12 35.26 -57.25
CA TRP A 279 2.02 34.52 -57.86
C TRP A 279 2.03 34.74 -59.36
N GLY A 280 2.36 33.69 -60.09
CA GLY A 280 2.26 33.72 -61.56
C GLY A 280 3.57 33.93 -62.26
N SER A 281 4.66 33.78 -61.53
CA SER A 281 6.00 33.79 -62.11
C SER A 281 6.29 32.43 -62.74
N LEU A 282 7.26 32.39 -63.66
CA LEU A 282 7.67 31.15 -64.35
C LEU A 282 7.96 30.00 -63.38
N HIS A 283 8.48 30.34 -62.20
CA HIS A 283 8.70 29.38 -61.12
C HIS A 283 7.37 28.85 -60.56
N HIS A 284 6.46 29.76 -60.20
CA HIS A 284 5.13 29.36 -59.75
C HIS A 284 4.41 28.50 -60.79
N ILE A 285 4.47 28.92 -62.05
CA ILE A 285 3.84 28.17 -63.13
C ILE A 285 4.44 26.76 -63.21
N LEU A 286 5.77 26.67 -63.19
CA LEU A 286 6.48 25.40 -63.35
C LEU A 286 6.24 24.42 -62.21
N ASP A 287 6.17 24.93 -60.99
CA ASP A 287 5.99 24.08 -59.82
C ASP A 287 4.56 23.59 -59.71
N ALA A 288 3.60 24.51 -59.75
CA ALA A 288 2.17 24.19 -59.68
C ALA A 288 1.73 23.13 -60.71
N GLN A 289 2.50 22.98 -61.77
CA GLN A 289 2.26 21.94 -62.76
C GLN A 289 2.75 20.60 -62.24
N LYS A 290 3.92 20.61 -61.59
CA LYS A 290 4.56 19.39 -61.06
C LYS A 290 3.71 18.69 -60.01
N MET A 291 2.61 19.32 -59.60
CA MET A 291 1.79 18.79 -58.52
C MET A 291 0.28 18.67 -58.83
N VAL A 292 -0.07 18.50 -60.09
CA VAL A 292 -1.48 18.34 -60.48
C VAL A 292 -2.04 16.97 -60.08
N TRP A 293 -3.36 16.90 -59.95
CA TRP A 293 -4.06 15.69 -59.49
C TRP A 293 -5.55 15.72 -59.83
N ASN A 294 -6.23 14.60 -59.63
CA ASN A 294 -7.63 14.45 -60.02
C ASN A 294 -8.67 15.22 -59.18
N HIS A 295 -8.26 15.74 -58.03
CA HIS A 295 -9.10 16.62 -57.19
C HIS A 295 -10.21 15.94 -56.39
N ARG A 296 -10.21 14.61 -56.37
CA ARG A 296 -11.08 13.84 -55.47
C ARG A 296 -10.18 13.09 -54.52
N HIS A 297 -10.46 13.11 -53.22
CA HIS A 297 -11.56 13.86 -52.61
C HIS A 297 -11.00 15.16 -52.04
N HIS A 298 -11.42 16.29 -52.60
CA HIS A 298 -11.04 17.58 -52.03
C HIS A 298 -11.95 17.90 -50.85
N HIS A 299 -11.58 18.92 -50.07
CA HIS A 299 -12.40 19.36 -48.94
C HIS A 299 -13.57 20.21 -49.39
N HIS A 300 -14.75 19.93 -48.86
CA HIS A 300 -15.98 20.64 -49.21
C HIS A 300 -16.02 22.04 -48.63
N GLN B 2 -15.93 14.78 -22.97
CA GLN B 2 -15.54 14.19 -24.30
C GLN B 2 -15.47 15.27 -25.39
N LYS B 3 -14.25 15.70 -25.70
CA LYS B 3 -14.01 16.73 -26.72
C LYS B 3 -13.55 16.12 -28.04
N THR B 4 -14.16 16.59 -29.13
CA THR B 4 -14.01 16.03 -30.47
C THR B 4 -12.68 16.38 -31.13
N PRO B 5 -11.96 15.36 -31.67
CA PRO B 5 -10.65 15.56 -32.29
C PRO B 5 -10.67 16.23 -33.66
N GLN B 6 -9.85 17.25 -33.82
CA GLN B 6 -9.59 17.84 -35.13
C GLN B 6 -8.40 17.11 -35.79
N ILE B 7 -8.40 17.06 -37.13
CA ILE B 7 -7.38 16.35 -37.89
C ILE B 7 -6.85 17.26 -38.98
N GLN B 8 -5.52 17.32 -39.12
CA GLN B 8 -4.86 18.09 -40.16
C GLN B 8 -3.80 17.24 -40.88
N VAL B 9 -3.86 17.24 -42.21
CA VAL B 9 -2.95 16.44 -43.03
C VAL B 9 -2.14 17.35 -43.96
N TYR B 10 -0.82 17.29 -43.83
CA TYR B 10 0.09 18.10 -44.63
C TYR B 10 1.35 17.30 -44.96
N SER B 11 2.18 17.82 -45.87
CA SER B 11 3.45 17.16 -46.24
C SER B 11 4.67 17.93 -45.77
N ARG B 12 5.79 17.25 -45.64
CA ARG B 12 7.01 17.87 -45.11
C ARG B 12 7.74 18.74 -46.14
N HIS B 13 7.72 18.32 -47.40
CA HIS B 13 8.28 19.10 -48.48
C HIS B 13 7.20 19.42 -49.50
N PRO B 14 7.44 20.40 -50.40
CA PRO B 14 6.51 20.66 -51.50
C PRO B 14 6.12 19.34 -52.18
N PRO B 15 4.81 19.15 -52.44
CA PRO B 15 4.37 17.94 -53.12
C PRO B 15 4.78 17.97 -54.57
N GLU B 16 5.49 16.95 -55.03
CA GLU B 16 5.85 16.80 -56.43
C GLU B 16 5.63 15.35 -56.84
N ASN B 17 4.77 15.16 -57.84
CA ASN B 17 4.34 13.82 -58.25
C ASN B 17 5.52 12.91 -58.55
N GLY B 18 5.53 11.72 -57.94
CA GLY B 18 6.58 10.73 -58.19
C GLY B 18 7.84 10.87 -57.35
N LYS B 19 7.89 11.91 -56.51
CA LYS B 19 9.04 12.13 -55.62
C LYS B 19 8.66 11.85 -54.17
N PRO B 20 9.44 11.00 -53.47
CA PRO B 20 9.14 10.58 -52.10
C PRO B 20 9.10 11.72 -51.08
N ASN B 21 8.00 11.79 -50.32
CA ASN B 21 7.78 12.81 -49.30
C ASN B 21 7.40 12.15 -47.97
N ILE B 22 7.12 12.96 -46.95
CA ILE B 22 6.66 12.48 -45.65
C ILE B 22 5.30 13.12 -45.31
N LEU B 23 4.28 12.28 -45.13
CA LEU B 23 2.93 12.77 -44.83
C LEU B 23 2.71 12.97 -43.34
N ASN B 24 2.07 14.07 -42.99
CA ASN B 24 1.78 14.35 -41.59
C ASN B 24 0.30 14.21 -41.33
N CYS B 25 -0.04 13.60 -40.20
CA CYS B 25 -1.41 13.64 -39.70
C CYS B 25 -1.40 14.07 -38.25
N TYR B 26 -2.05 15.20 -37.98
CA TYR B 26 -1.88 15.88 -36.72
C TYR B 26 -3.22 16.02 -35.98
N VAL B 27 -3.54 15.01 -35.17
CA VAL B 27 -4.81 14.92 -34.47
C VAL B 27 -4.73 15.68 -33.16
N THR B 28 -5.59 16.71 -32.98
CA THR B 28 -5.49 17.56 -31.78
C THR B 28 -6.83 17.92 -31.15
N GLN B 29 -6.74 18.65 -30.03
CA GLN B 29 -7.90 19.13 -29.25
C GLN B 29 -8.91 18.03 -28.93
N PHE B 30 -8.43 16.92 -28.37
CA PHE B 30 -9.29 15.80 -28.00
C PHE B 30 -9.08 15.31 -26.57
N HIS B 31 -10.10 14.61 -26.06
CA HIS B 31 -10.14 14.14 -24.69
C HIS B 31 -11.27 13.14 -24.59
N PRO B 32 -11.08 12.01 -23.87
CA PRO B 32 -9.92 11.48 -23.15
C PRO B 32 -8.79 11.06 -24.10
N PRO B 33 -7.60 10.74 -23.54
CA PRO B 33 -6.40 10.50 -24.35
C PRO B 33 -6.42 9.29 -25.28
N HIS B 34 -7.02 8.18 -24.85
CA HIS B 34 -7.01 6.96 -25.67
C HIS B 34 -7.69 7.15 -27.02
N ILE B 35 -6.94 6.88 -28.09
CA ILE B 35 -7.37 7.13 -29.47
C ILE B 35 -6.67 6.19 -30.46
N GLU B 36 -7.31 5.91 -31.59
CA GLU B 36 -6.76 5.00 -32.61
C GLU B 36 -6.68 5.66 -34.00
N ILE B 37 -5.46 5.78 -34.52
CA ILE B 37 -5.20 6.52 -35.77
C ILE B 37 -4.61 5.64 -36.87
N GLN B 38 -5.15 5.80 -38.08
CA GLN B 38 -4.65 5.08 -39.26
C GLN B 38 -4.35 6.03 -40.42
N MET B 39 -3.27 5.73 -41.14
CA MET B 39 -2.97 6.37 -42.42
C MET B 39 -3.35 5.39 -43.52
N LEU B 40 -4.00 5.89 -44.56
CA LEU B 40 -4.55 5.04 -45.61
C LEU B 40 -4.11 5.50 -47.00
N LYS B 41 -3.56 4.58 -47.78
CA LYS B 41 -3.29 4.82 -49.19
C LYS B 41 -4.29 4.03 -50.03
N ASN B 42 -5.29 4.74 -50.54
CA ASN B 42 -6.38 4.19 -51.36
C ASN B 42 -7.41 3.31 -50.64
N GLY B 43 -7.42 3.40 -49.30
CA GLY B 43 -8.31 2.60 -48.48
C GLY B 43 -7.56 1.59 -47.62
N LYS B 44 -6.60 0.91 -48.24
CA LYS B 44 -5.74 -0.05 -47.55
C LYS B 44 -4.81 0.68 -46.58
N LYS B 45 -4.78 0.18 -45.35
CA LYS B 45 -4.06 0.81 -44.23
C LYS B 45 -2.53 0.78 -44.40
N ILE B 46 -1.94 1.96 -44.55
CA ILE B 46 -0.48 2.10 -44.69
C ILE B 46 0.21 1.56 -43.44
N PRO B 47 1.05 0.52 -43.61
CA PRO B 47 1.67 -0.24 -42.52
C PRO B 47 2.60 0.56 -41.60
N LYS B 48 3.50 1.35 -42.17
CA LYS B 48 4.56 2.00 -41.40
C LYS B 48 4.17 3.43 -40.98
N VAL B 49 3.60 3.56 -39.78
CA VAL B 49 3.19 4.86 -39.26
C VAL B 49 3.82 5.12 -37.90
N GLU B 50 4.86 5.94 -37.90
CA GLU B 50 5.53 6.33 -36.68
C GLU B 50 4.72 7.41 -35.97
N MET B 51 4.56 7.26 -34.66
CA MET B 51 3.78 8.19 -33.84
C MET B 51 4.70 8.98 -32.94
N SER B 52 4.32 10.23 -32.67
CA SER B 52 5.00 11.03 -31.65
C SER B 52 4.43 10.67 -30.28
N ASP B 53 5.13 11.08 -29.24
CA ASP B 53 4.63 10.91 -27.88
C ASP B 53 3.43 11.82 -27.70
N MET B 54 2.33 11.27 -27.18
CA MET B 54 1.13 12.06 -26.91
C MET B 54 1.42 13.12 -25.85
N SER B 55 0.73 14.25 -25.92
CA SER B 55 0.97 15.36 -25.01
C SER B 55 -0.34 16.11 -24.76
N PHE B 56 -0.26 17.32 -24.21
CA PHE B 56 -1.42 18.19 -24.08
C PHE B 56 -1.06 19.68 -24.01
N SER B 57 -1.99 20.50 -24.49
CA SER B 57 -1.81 21.96 -24.55
C SER B 57 -2.37 22.66 -23.33
N LYS B 58 -2.18 23.98 -23.28
CA LYS B 58 -2.58 24.81 -22.13
C LYS B 58 -4.06 24.69 -21.76
N ASP B 59 -4.86 24.14 -22.68
CA ASP B 59 -6.27 23.89 -22.43
C ASP B 59 -6.55 22.46 -21.96
N TRP B 60 -5.49 21.70 -21.69
CA TRP B 60 -5.56 20.33 -21.15
C TRP B 60 -6.11 19.28 -22.11
N SER B 61 -6.29 19.63 -23.39
CA SER B 61 -6.69 18.65 -24.39
C SER B 61 -5.46 18.07 -25.08
N PHE B 62 -5.52 16.78 -25.39
CA PHE B 62 -4.36 16.03 -25.86
C PHE B 62 -4.13 16.23 -27.34
N TYR B 63 -2.92 15.90 -27.80
CA TYR B 63 -2.57 15.96 -29.23
C TYR B 63 -1.46 14.97 -29.58
N ILE B 64 -1.48 14.47 -30.82
CA ILE B 64 -0.50 13.46 -31.23
C ILE B 64 -0.16 13.58 -32.72
N LEU B 65 1.13 13.46 -33.05
CA LEU B 65 1.60 13.58 -34.44
C LEU B 65 1.97 12.23 -35.07
N ALA B 66 1.24 11.87 -36.13
CA ALA B 66 1.47 10.64 -36.87
C ALA B 66 2.10 10.98 -38.21
N HIS B 67 3.08 10.21 -38.63
CA HIS B 67 3.75 10.49 -39.91
C HIS B 67 4.27 9.24 -40.59
N THR B 68 4.23 9.27 -41.91
CA THR B 68 4.61 8.15 -42.75
C THR B 68 5.28 8.67 -44.02
N GLU B 69 6.21 7.87 -44.55
CA GLU B 69 6.83 8.17 -45.83
C GLU B 69 5.93 7.73 -46.99
N PHE B 70 5.69 8.64 -47.93
CA PHE B 70 4.78 8.40 -49.05
C PHE B 70 5.22 9.08 -50.35
N THR B 71 4.70 8.57 -51.46
CA THR B 71 4.92 9.16 -52.78
C THR B 71 3.60 9.70 -53.33
N PRO B 72 3.53 11.02 -53.60
CA PRO B 72 2.29 11.61 -54.11
C PRO B 72 2.17 11.48 -55.62
N THR B 73 0.98 11.11 -56.06
CA THR B 73 0.68 11.02 -57.49
C THR B 73 -0.68 11.68 -57.78
N GLU B 74 -1.01 11.78 -59.06
CA GLU B 74 -2.25 12.41 -59.50
C GLU B 74 -3.51 11.61 -59.13
N THR B 75 -3.36 10.30 -58.96
CA THR B 75 -4.50 9.40 -58.79
C THR B 75 -4.63 8.77 -57.39
N ASP B 76 -3.51 8.33 -56.82
CA ASP B 76 -3.52 7.68 -55.49
C ASP B 76 -4.04 8.61 -54.41
N THR B 77 -4.87 8.10 -53.52
CA THR B 77 -5.52 8.90 -52.48
C THR B 77 -5.03 8.60 -51.07
N TYR B 78 -4.75 9.65 -50.29
CA TYR B 78 -4.21 9.50 -48.95
C TYR B 78 -5.15 10.08 -47.91
N ALA B 79 -5.42 9.32 -46.85
CA ALA B 79 -6.34 9.76 -45.81
C ALA B 79 -5.95 9.31 -44.41
N CYS B 80 -6.37 10.10 -43.42
CA CYS B 80 -6.16 9.82 -42.00
C CYS B 80 -7.48 9.44 -41.34
N ARG B 81 -7.56 8.21 -40.81
CA ARG B 81 -8.79 7.69 -40.19
C ARG B 81 -8.66 7.61 -38.67
N VAL B 82 -9.56 8.28 -37.97
CA VAL B 82 -9.47 8.44 -36.51
C VAL B 82 -10.66 7.84 -35.76
N LYS B 83 -10.37 6.86 -34.90
CA LYS B 83 -11.38 6.26 -34.04
C LYS B 83 -11.23 6.79 -32.61
N HIS B 84 -12.29 7.42 -32.11
CA HIS B 84 -12.28 8.02 -30.78
C HIS B 84 -13.66 7.90 -30.17
N ALA B 85 -13.72 7.86 -28.84
CA ALA B 85 -14.96 7.64 -28.09
C ALA B 85 -15.99 8.76 -28.26
N SER B 86 -15.52 9.96 -28.62
CA SER B 86 -16.40 11.12 -28.78
C SER B 86 -17.20 11.10 -30.09
N MET B 87 -16.80 10.24 -31.02
CA MET B 87 -17.51 10.09 -32.30
C MET B 87 -18.08 8.68 -32.48
N ALA B 88 -19.31 8.61 -32.99
CA ALA B 88 -19.96 7.33 -33.26
C ALA B 88 -19.23 6.61 -34.40
N GLU B 89 -19.12 7.29 -35.53
CA GLU B 89 -18.39 6.76 -36.67
C GLU B 89 -16.96 7.31 -36.65
N PRO B 90 -16.00 6.54 -37.20
CA PRO B 90 -14.64 7.08 -37.34
C PRO B 90 -14.63 8.27 -38.28
N LYS B 91 -13.69 9.18 -38.08
CA LYS B 91 -13.57 10.38 -38.90
C LYS B 91 -12.47 10.19 -39.93
N THR B 92 -12.85 10.23 -41.21
CA THR B 92 -11.92 10.02 -42.31
C THR B 92 -11.67 11.32 -43.07
N VAL B 93 -10.46 11.87 -42.91
CA VAL B 93 -10.05 13.10 -43.59
C VAL B 93 -8.97 12.84 -44.66
N TYR B 94 -9.21 13.32 -45.88
CA TYR B 94 -8.31 13.09 -47.03
C TYR B 94 -7.28 14.20 -47.23
N TRP B 95 -6.11 13.83 -47.76
CA TRP B 95 -5.06 14.81 -48.05
C TRP B 95 -5.40 15.66 -49.27
N ASP B 96 -5.44 16.97 -49.06
CA ASP B 96 -5.81 17.94 -50.10
C ASP B 96 -4.66 18.92 -50.33
N ARG B 97 -3.66 18.46 -51.08
CA ARG B 97 -2.40 19.20 -51.32
C ARG B 97 -2.54 20.70 -51.60
N ASP B 98 -3.72 21.14 -52.02
CA ASP B 98 -3.95 22.55 -52.28
C ASP B 98 -4.37 23.33 -51.03
N MET B 99 -5.28 22.77 -50.22
CA MET B 99 -5.81 23.49 -49.05
C MET B 99 -4.80 23.58 -47.92
N THR C 1 7.95 -13.82 2.61
CA THR C 1 7.31 -12.86 3.56
C THR C 1 7.90 -11.45 3.41
N GLN C 2 7.01 -10.46 3.40
CA GLN C 2 7.40 -9.06 3.20
C GLN C 2 8.26 -8.50 4.31
N VAL C 3 7.99 -8.92 5.55
CA VAL C 3 8.72 -8.43 6.73
C VAL C 3 9.13 -9.58 7.66
N GLU C 4 10.42 -9.67 7.96
CA GLU C 4 10.97 -10.79 8.71
C GLU C 4 11.57 -10.37 10.07
N GLN C 5 11.34 -11.20 11.09
CA GLN C 5 11.87 -10.94 12.43
C GLN C 5 12.79 -12.05 12.92
N SER C 6 13.87 -11.65 13.58
CA SER C 6 14.83 -12.57 14.17
C SER C 6 15.10 -12.19 15.62
N PRO C 7 15.24 -13.19 16.51
CA PRO C 7 15.06 -14.61 16.23
C PRO C 7 13.59 -14.98 16.37
N GLN C 8 13.27 -16.28 16.26
CA GLN C 8 11.91 -16.75 16.46
C GLN C 8 11.54 -16.59 17.94
N SER C 9 12.44 -17.07 18.79
CA SER C 9 12.29 -16.97 20.24
C SER C 9 13.65 -16.69 20.89
N LEU C 10 13.72 -15.56 21.60
CA LEU C 10 14.91 -15.23 22.40
C LEU C 10 14.63 -15.51 23.87
N VAL C 11 15.62 -16.10 24.55
CA VAL C 11 15.48 -16.46 25.95
C VAL C 11 16.58 -15.77 26.75
N VAL C 12 16.20 -15.04 27.80
CA VAL C 12 17.16 -14.28 28.61
C VAL C 12 17.05 -14.53 30.11
N ARG C 13 18.19 -14.48 30.80
CA ARG C 13 18.20 -14.55 32.26
C ARG C 13 17.75 -13.21 32.83
N GLN C 14 16.68 -13.23 33.62
CA GLN C 14 16.09 -12.00 34.20
C GLN C 14 17.14 -10.99 34.63
N GLY C 15 16.97 -9.75 34.20
CA GLY C 15 17.86 -8.65 34.58
C GLY C 15 19.10 -8.55 33.72
N GLU C 16 18.94 -8.86 32.43
CA GLU C 16 20.04 -8.71 31.47
C GLU C 16 19.52 -8.06 30.18
N ASN C 17 20.42 -7.91 29.20
CA ASN C 17 20.08 -7.30 27.92
C ASN C 17 19.36 -8.27 26.98
N SER C 18 18.65 -7.72 26.01
CA SER C 18 17.94 -8.51 25.01
C SER C 18 17.76 -7.69 23.74
N VAL C 19 18.33 -8.18 22.64
CA VAL C 19 18.22 -7.53 21.34
C VAL C 19 17.30 -8.32 20.43
N LEU C 20 16.34 -7.63 19.80
CA LEU C 20 15.46 -8.24 18.80
C LEU C 20 15.62 -7.54 17.45
N GLN C 21 15.51 -8.32 16.37
CA GLN C 21 15.79 -7.84 15.02
C GLN C 21 14.54 -7.77 14.16
N CYS C 22 14.65 -7.00 13.08
CA CYS C 22 13.58 -6.84 12.10
C CYS C 22 14.18 -6.40 10.76
N ASN C 23 13.86 -7.15 9.71
CA ASN C 23 14.28 -6.80 8.36
C ASN C 23 13.09 -6.74 7.43
N TYR C 24 12.96 -5.63 6.70
CA TYR C 24 11.84 -5.46 5.79
C TYR C 24 12.31 -5.16 4.36
N SER C 25 11.49 -5.57 3.40
CA SER C 25 11.71 -5.24 1.99
C SER C 25 10.47 -4.55 1.44
N VAL C 26 10.16 -3.40 2.04
CA VAL C 26 8.94 -2.66 1.74
C VAL C 26 9.31 -1.26 1.23
N THR C 27 8.67 -0.85 0.14
CA THR C 27 8.85 0.49 -0.44
C THR C 27 7.50 1.10 -0.82
N PRO C 28 7.27 2.39 -0.47
CA PRO C 28 8.15 3.22 0.34
C PRO C 28 7.95 2.95 1.83
N ASP C 29 8.95 3.25 2.63
CA ASP C 29 8.93 2.96 4.07
C ASP C 29 8.90 4.24 4.90
N ASN C 30 7.71 4.68 5.27
CA ASN C 30 7.56 5.89 6.06
C ASN C 30 8.09 5.75 7.48
N HIS C 31 7.60 4.75 8.21
CA HIS C 31 7.94 4.58 9.61
C HIS C 31 7.92 3.12 10.06
N LEU C 32 8.26 2.90 11.33
CA LEU C 32 8.29 1.57 11.92
C LEU C 32 7.90 1.61 13.40
N ARG C 33 6.80 0.92 13.72
CA ARG C 33 6.30 0.80 15.08
C ARG C 33 6.71 -0.56 15.62
N TRP C 34 7.09 -0.60 16.89
CA TRP C 34 7.26 -1.86 17.61
C TRP C 34 6.08 -2.04 18.54
N PHE C 35 5.47 -3.22 18.51
CA PHE C 35 4.33 -3.51 19.40
C PHE C 35 4.67 -4.54 20.47
N LYS C 36 3.88 -4.57 21.54
CA LYS C 36 4.05 -5.53 22.63
C LYS C 36 2.75 -6.28 22.91
N GLN C 37 2.78 -7.59 22.69
CA GLN C 37 1.58 -8.39 22.87
C GLN C 37 1.66 -9.30 24.09
N ASP C 38 0.93 -8.94 25.12
CA ASP C 38 0.73 -9.80 26.29
C ASP C 38 -0.08 -11.02 25.85
N THR C 39 0.40 -12.21 26.19
CA THR C 39 -0.23 -13.47 25.76
C THR C 39 -1.74 -13.46 26.03
N GLY C 40 -2.51 -13.47 24.95
CA GLY C 40 -3.98 -13.42 25.00
C GLY C 40 -4.55 -12.02 25.15
N LYS C 41 -3.89 -11.04 24.54
CA LYS C 41 -4.30 -9.64 24.63
C LYS C 41 -3.94 -8.81 23.40
N GLY C 42 -4.34 -7.54 23.39
CA GLY C 42 -4.09 -6.64 22.27
C GLY C 42 -2.64 -6.23 22.11
N LEU C 43 -2.39 -5.29 21.20
CA LEU C 43 -1.03 -4.83 20.95
C LEU C 43 -0.80 -3.46 21.57
N VAL C 44 0.37 -3.27 22.18
CA VAL C 44 0.73 -2.00 22.82
C VAL C 44 1.96 -1.37 22.15
N SER C 45 1.80 -0.13 21.71
CA SER C 45 2.84 0.59 20.97
C SER C 45 3.98 1.04 21.89
N LEU C 46 5.15 0.44 21.70
CA LEU C 46 6.34 0.77 22.48
C LEU C 46 6.98 2.06 21.98
N THR C 47 7.35 2.08 20.71
CA THR C 47 7.98 3.27 20.09
C THR C 47 7.81 3.33 18.56
N VAL C 48 8.07 4.50 17.98
CA VAL C 48 7.97 4.71 16.53
C VAL C 48 9.24 5.37 16.00
N LEU C 49 9.64 5.02 14.77
CA LEU C 49 10.83 5.59 14.15
C LEU C 49 10.57 6.05 12.71
N VAL C 50 10.66 7.36 12.47
CA VAL C 50 10.31 7.95 11.17
C VAL C 50 11.54 8.31 10.31
N ASP C 51 12.59 8.82 10.94
CA ASP C 51 13.78 9.32 10.23
C ASP C 51 14.55 8.27 9.44
N GLN C 52 15.37 8.75 8.50
CA GLN C 52 16.23 7.90 7.66
C GLN C 52 17.13 7.00 8.50
N LYS C 53 17.77 7.59 9.49
CA LYS C 53 18.53 6.85 10.50
C LYS C 53 18.11 7.35 11.87
N ASP C 54 17.31 6.54 12.57
CA ASP C 54 16.63 7.00 13.79
C ASP C 54 17.04 6.22 15.05
N LYS C 55 16.95 6.91 16.19
CA LYS C 55 17.22 6.34 17.52
C LYS C 55 16.21 6.91 18.51
N THR C 56 15.69 6.04 19.37
CA THR C 56 14.61 6.43 20.29
C THR C 56 14.63 5.58 21.57
N SER C 57 14.06 6.13 22.64
CA SER C 57 14.04 5.47 23.94
C SER C 57 12.71 5.65 24.66
N ASN C 58 12.28 4.61 25.37
CA ASN C 58 11.04 4.63 26.16
C ASN C 58 11.06 3.60 27.28
N GLY C 59 11.25 4.07 28.51
CA GLY C 59 11.39 3.18 29.66
C GLY C 59 12.75 2.49 29.61
N ARG C 60 12.72 1.16 29.58
CA ARG C 60 13.95 0.38 29.41
C ARG C 60 14.17 0.05 27.94
N TYR C 61 13.12 0.23 27.14
CA TYR C 61 13.16 0.00 25.70
C TYR C 61 13.90 1.12 24.97
N SER C 62 14.77 0.73 24.03
CA SER C 62 15.50 1.67 23.20
C SER C 62 15.69 1.06 21.82
N ALA C 63 15.14 1.73 20.81
CA ALA C 63 15.12 1.19 19.46
C ALA C 63 15.93 2.03 18.46
N THR C 64 16.46 1.36 17.44
CA THR C 64 17.24 2.00 16.37
C THR C 64 16.69 1.63 14.99
N LEU C 65 17.02 2.44 13.98
CA LEU C 65 16.59 2.23 12.60
C LEU C 65 17.60 2.80 11.60
N ASP C 66 17.87 2.04 10.54
CA ASP C 66 18.68 2.52 9.41
C ASP C 66 18.05 2.10 8.08
N LYS C 67 17.45 3.06 7.40
CA LYS C 67 16.75 2.80 6.13
C LYS C 67 17.73 2.53 4.98
N ASP C 68 18.98 2.92 5.16
CA ASP C 68 20.06 2.60 4.20
C ASP C 68 20.39 1.10 4.23
N ALA C 69 19.67 0.36 5.07
CA ALA C 69 19.79 -1.09 5.17
C ALA C 69 18.41 -1.73 5.40
N LYS C 70 17.38 -0.88 5.53
CA LYS C 70 16.00 -1.31 5.80
C LYS C 70 15.92 -2.27 6.98
N HIS C 71 16.50 -1.85 8.10
CA HIS C 71 16.73 -2.71 9.25
C HIS C 71 16.41 -2.04 10.58
N SER C 72 15.90 -2.84 11.52
CA SER C 72 15.55 -2.35 12.87
C SER C 72 16.10 -3.24 13.96
N THR C 73 16.14 -2.71 15.19
CA THR C 73 16.62 -3.45 16.36
C THR C 73 16.01 -2.88 17.64
N LEU C 74 15.51 -3.77 18.50
CA LEU C 74 14.91 -3.37 19.77
C LEU C 74 15.75 -3.90 20.93
N HIS C 75 16.23 -2.98 21.75
CA HIS C 75 16.98 -3.32 22.95
C HIS C 75 16.14 -3.09 24.20
N ILE C 76 16.06 -4.11 25.05
CA ILE C 76 15.53 -3.94 26.41
C ILE C 76 16.65 -4.23 27.42
N THR C 77 17.05 -3.19 28.16
CA THR C 77 18.10 -3.34 29.18
C THR C 77 17.49 -3.73 30.52
N ALA C 78 18.12 -4.69 31.19
CA ALA C 78 17.69 -5.20 32.50
C ALA C 78 16.24 -5.68 32.47
N THR C 79 16.05 -6.86 31.88
CA THR C 79 14.72 -7.40 31.62
C THR C 79 14.02 -7.87 32.88
N LEU C 80 12.75 -7.52 33.00
CA LEU C 80 11.92 -8.01 34.10
C LEU C 80 11.18 -9.27 33.65
N LEU C 81 10.54 -9.97 34.60
CA LEU C 81 9.73 -11.14 34.27
C LEU C 81 8.48 -10.76 33.51
N ASP C 82 7.90 -9.62 33.87
CA ASP C 82 6.66 -9.16 33.27
C ASP C 82 6.87 -8.59 31.86
N ASP C 83 8.00 -8.95 31.26
CA ASP C 83 8.31 -8.58 29.87
C ASP C 83 8.04 -9.74 28.94
N THR C 84 7.77 -10.91 29.51
CA THR C 84 7.53 -12.11 28.71
C THR C 84 6.27 -11.94 27.88
N ALA C 85 6.52 -11.62 26.60
CA ALA C 85 5.50 -11.24 25.66
C ALA C 85 6.00 -11.51 24.25
N THR C 86 5.17 -11.22 23.26
CA THR C 86 5.62 -11.21 21.87
C THR C 86 5.75 -9.78 21.36
N TYR C 87 6.91 -9.49 20.78
CA TYR C 87 7.20 -8.18 20.26
C TYR C 87 7.20 -8.21 18.74
N ILE C 88 6.31 -7.41 18.16
CA ILE C 88 6.07 -7.41 16.72
C ILE C 88 6.50 -6.09 16.08
N CYS C 89 7.22 -6.21 14.96
CA CYS C 89 7.77 -5.09 14.21
C CYS C 89 6.83 -4.75 13.05
N VAL C 90 6.37 -3.51 13.00
CA VAL C 90 5.36 -3.08 12.02
C VAL C 90 5.78 -1.87 11.19
N VAL C 91 5.84 -2.06 9.87
CA VAL C 91 6.31 -1.04 8.93
C VAL C 91 5.14 -0.32 8.27
N GLY C 92 5.20 1.02 8.26
CA GLY C 92 4.20 1.85 7.60
C GLY C 92 4.69 2.40 6.27
N ASP C 93 3.91 2.19 5.21
CA ASP C 93 4.38 2.49 3.86
C ASP C 93 3.99 3.86 3.32
N ARG C 94 3.06 4.53 4.00
CA ARG C 94 2.68 5.90 3.65
C ARG C 94 2.32 6.73 4.88
N GLY C 95 2.75 7.99 4.87
CA GLY C 95 2.56 8.89 6.01
C GLY C 95 1.22 9.60 6.02
N SER C 96 0.17 8.89 5.60
CA SER C 96 -1.18 9.44 5.57
C SER C 96 -2.23 8.33 5.61
N ALA C 97 -3.46 8.72 5.91
CA ALA C 97 -4.59 7.80 5.97
C ALA C 97 -4.93 7.21 4.59
N GLY C 99 -2.69 4.32 2.91
CA GLY C 99 -1.56 3.55 3.42
C GLY C 99 -1.95 2.25 4.11
N ARG C 100 -1.09 1.25 4.00
CA ARG C 100 -1.35 -0.05 4.60
C ARG C 100 -0.12 -0.56 5.36
N LEU C 101 -0.32 -0.91 6.63
CA LEU C 101 0.75 -1.41 7.49
C LEU C 101 1.16 -2.84 7.16
N HIS C 102 2.41 -3.17 7.49
CA HIS C 102 3.00 -4.48 7.20
C HIS C 102 3.47 -5.13 8.48
N PHE C 103 3.00 -6.34 8.74
CA PHE C 103 3.24 -7.00 10.01
C PHE C 103 4.23 -8.17 9.94
N GLY C 104 5.27 -8.10 10.76
CA GLY C 104 6.15 -9.25 10.96
C GLY C 104 5.49 -10.32 11.82
N ALA C 105 6.04 -11.53 11.81
CA ALA C 105 5.46 -12.65 12.54
C ALA C 105 5.71 -12.55 14.05
N GLY C 106 6.53 -11.57 14.44
CA GLY C 106 6.78 -11.28 15.84
C GLY C 106 7.84 -12.17 16.48
N THR C 107 8.22 -11.80 17.69
CA THR C 107 9.20 -12.57 18.44
C THR C 107 8.68 -12.81 19.85
N GLN C 108 8.44 -14.08 20.18
CA GLN C 108 8.07 -14.49 21.53
C GLN C 108 9.31 -14.42 22.43
N LEU C 109 9.24 -13.58 23.47
CA LEU C 109 10.36 -13.44 24.40
C LEU C 109 10.08 -14.14 25.73
N ILE C 110 10.85 -15.20 26.01
CA ILE C 110 10.72 -15.94 27.27
C ILE C 110 11.84 -15.55 28.22
N VAL C 111 11.47 -15.10 29.42
CA VAL C 111 12.46 -14.73 30.43
C VAL C 111 12.47 -15.72 31.60
N ILE C 112 13.59 -16.45 31.73
CA ILE C 112 13.80 -17.38 32.82
C ILE C 112 14.23 -16.63 34.09
N PRO C 113 13.71 -17.04 35.26
CA PRO C 113 14.09 -16.36 36.48
C PRO C 113 15.40 -16.92 37.04
N ASP C 114 16.26 -16.03 37.52
CA ASP C 114 17.51 -16.43 38.17
C ASP C 114 17.24 -16.90 39.59
N ILE C 115 17.47 -18.18 39.83
CA ILE C 115 17.25 -18.77 41.16
C ILE C 115 18.59 -18.88 41.90
N GLN C 116 18.66 -18.19 43.03
CA GLN C 116 19.89 -18.17 43.84
C GLN C 116 20.04 -19.46 44.62
N ASN C 117 18.98 -19.86 45.31
CA ASN C 117 18.99 -21.09 46.09
C ASN C 117 17.97 -22.11 45.60
N PRO C 118 18.44 -23.05 44.76
CA PRO C 118 17.57 -24.12 44.26
C PRO C 118 17.32 -25.17 45.35
N ASP C 119 16.10 -25.70 45.39
CA ASP C 119 15.71 -26.73 46.33
C ASP C 119 14.95 -27.86 45.60
N PRO C 120 15.63 -28.58 44.68
CA PRO C 120 14.98 -29.57 43.80
C PRO C 120 14.17 -30.61 44.57
N ALA C 121 12.85 -30.58 44.40
CA ALA C 121 11.95 -31.44 45.17
C ALA C 121 10.72 -31.86 44.37
N VAL C 122 10.18 -33.04 44.67
CA VAL C 122 8.99 -33.56 44.00
C VAL C 122 7.96 -34.09 44.97
N TYR C 123 7.03 -33.23 45.39
CA TYR C 123 6.02 -33.58 46.37
C TYR C 123 4.80 -34.27 45.73
N GLN C 124 4.09 -35.08 46.52
CA GLN C 124 2.85 -35.70 46.07
C GLN C 124 1.65 -35.05 46.76
N LEU C 125 0.74 -34.51 45.96
CA LEU C 125 -0.42 -33.79 46.48
C LEU C 125 -1.68 -34.61 46.25
N ARG C 126 -2.61 -34.54 47.20
CA ARG C 126 -3.81 -35.37 47.16
C ARG C 126 -5.08 -34.53 47.02
N ASP C 127 -6.12 -35.14 46.46
CA ASP C 127 -7.35 -34.43 46.13
C ASP C 127 -8.13 -34.00 47.36
N SER C 128 -8.96 -32.98 47.20
CA SER C 128 -9.82 -32.50 48.28
C SER C 128 -11.06 -33.36 48.47
N LYS C 129 -11.45 -34.08 47.43
CA LYS C 129 -12.68 -34.89 47.45
C LYS C 129 -12.42 -36.41 47.56
N SER C 130 -11.55 -36.94 46.70
CA SER C 130 -11.28 -38.37 46.66
C SER C 130 -9.79 -38.66 46.76
N SER C 131 -9.36 -39.09 47.95
CA SER C 131 -7.94 -39.38 48.23
C SER C 131 -7.31 -40.36 47.23
N ASP C 132 -8.15 -41.06 46.48
CA ASP C 132 -7.69 -41.96 45.43
C ASP C 132 -6.87 -41.21 44.38
N LYS C 133 -7.28 -39.98 44.07
CA LYS C 133 -6.65 -39.17 43.01
C LYS C 133 -5.55 -38.23 43.54
N SER C 134 -4.37 -38.31 42.93
CA SER C 134 -3.24 -37.47 43.33
C SER C 134 -2.40 -36.96 42.15
N VAL C 135 -1.47 -36.03 42.43
CA VAL C 135 -0.50 -35.54 41.42
C VAL C 135 0.94 -35.59 41.93
N CYS C 136 1.89 -35.19 41.07
CA CYS C 136 3.31 -35.02 41.44
C CYS C 136 3.80 -33.64 41.07
N LEU C 137 4.32 -32.90 42.04
CA LEU C 137 4.76 -31.53 41.78
C LEU C 137 6.29 -31.40 41.81
N PHE C 138 6.91 -31.21 40.64
CA PHE C 138 8.35 -30.98 40.59
C PHE C 138 8.58 -29.50 40.76
N THR C 139 9.30 -29.13 41.80
CA THR C 139 9.38 -27.72 42.16
C THR C 139 10.71 -27.28 42.78
N ASP C 140 10.93 -25.96 42.75
CA ASP C 140 12.11 -25.28 43.29
C ASP C 140 13.42 -25.64 42.62
N PHE C 141 13.37 -25.87 41.31
CA PHE C 141 14.57 -26.22 40.55
C PHE C 141 15.21 -25.00 39.86
N ASP C 142 16.50 -25.11 39.54
CA ASP C 142 17.19 -24.04 38.85
C ASP C 142 16.80 -24.05 37.38
N SER C 143 17.09 -22.95 36.69
CA SER C 143 16.64 -22.79 35.32
C SER C 143 17.52 -23.51 34.28
N GLN C 144 18.50 -24.26 34.77
CA GLN C 144 19.31 -25.14 33.93
C GLN C 144 18.54 -26.41 33.54
N THR C 145 17.56 -26.78 34.37
CA THR C 145 16.76 -27.98 34.14
C THR C 145 15.70 -27.79 33.04
N ASN C 146 15.65 -28.74 32.12
CA ASN C 146 14.58 -28.84 31.13
C ASN C 146 13.62 -29.98 31.47
N VAL C 147 12.31 -29.70 31.40
CA VAL C 147 11.28 -30.71 31.65
C VAL C 147 10.82 -31.34 30.34
N SER C 148 11.19 -32.60 30.12
CA SER C 148 10.82 -33.33 28.91
C SER C 148 9.41 -33.91 29.03
N GLN C 149 8.84 -34.35 27.92
CA GLN C 149 7.52 -34.95 27.91
C GLN C 149 7.58 -36.44 28.25
N SER C 150 6.42 -37.06 28.44
CA SER C 150 6.35 -38.48 28.73
C SER C 150 6.41 -39.33 27.45
N LYS C 151 7.27 -40.34 27.47
CA LYS C 151 7.33 -41.32 26.38
C LYS C 151 6.14 -42.29 26.47
N ASP C 152 5.39 -42.18 27.57
CA ASP C 152 4.23 -43.03 27.84
C ASP C 152 2.90 -42.32 27.58
N SER C 153 1.97 -43.05 26.96
CA SER C 153 0.67 -42.50 26.53
C SER C 153 -0.29 -42.18 27.68
N ASP C 154 0.04 -42.62 28.90
CA ASP C 154 -0.87 -42.46 30.03
C ASP C 154 -0.36 -41.53 31.14
N VAL C 155 0.86 -41.01 30.97
CA VAL C 155 1.42 -40.05 31.91
C VAL C 155 1.37 -38.66 31.31
N TYR C 156 0.78 -37.71 32.02
CA TYR C 156 0.67 -36.35 31.54
C TYR C 156 1.54 -35.42 32.34
N ILE C 157 2.53 -34.82 31.69
CA ILE C 157 3.46 -33.87 32.33
C ILE C 157 3.36 -32.48 31.69
N THR C 158 3.17 -31.44 32.49
CA THR C 158 3.18 -30.08 31.94
C THR C 158 4.60 -29.53 31.82
N ASP C 159 4.81 -28.58 30.92
CA ASP C 159 6.08 -27.84 30.81
C ASP C 159 6.21 -26.87 31.99
N LYS C 160 7.45 -26.50 32.33
CA LYS C 160 7.70 -25.62 33.48
C LYS C 160 6.94 -24.29 33.40
N CYS C 161 6.68 -23.73 34.57
CA CYS C 161 5.91 -22.49 34.68
C CYS C 161 6.35 -21.78 35.96
N VAL C 162 6.62 -20.48 35.84
CA VAL C 162 7.22 -19.69 36.92
C VAL C 162 6.17 -18.89 37.72
N LEU C 163 6.41 -18.78 39.03
CA LEU C 163 5.59 -17.91 39.90
C LEU C 163 6.42 -17.00 40.80
N ASP C 164 5.96 -15.76 40.95
CA ASP C 164 6.58 -14.78 41.83
C ASP C 164 5.67 -14.58 43.04
N MET C 165 6.23 -14.78 44.23
CA MET C 165 5.54 -14.42 45.46
C MET C 165 5.93 -13.00 45.79
N ARG C 166 5.03 -12.07 45.50
CA ARG C 166 5.34 -10.65 45.47
C ARG C 166 5.82 -10.07 46.81
N SER C 167 5.17 -10.46 47.89
CA SER C 167 5.53 -9.99 49.24
C SER C 167 6.87 -10.58 49.69
N MET C 168 7.10 -11.84 49.34
CA MET C 168 8.31 -12.56 49.71
C MET C 168 9.51 -12.25 48.82
N ASP C 169 9.26 -11.65 47.66
CA ASP C 169 10.27 -11.43 46.61
C ASP C 169 10.89 -12.76 46.17
N PHE C 170 10.09 -13.82 46.25
CA PHE C 170 10.53 -15.17 45.97
C PHE C 170 10.02 -15.62 44.61
N LYS C 171 10.87 -16.30 43.85
CA LYS C 171 10.50 -16.84 42.55
C LYS C 171 10.84 -18.33 42.47
N SER C 172 9.96 -19.12 41.86
CA SER C 172 10.14 -20.58 41.78
C SER C 172 9.56 -21.22 40.52
N ASN C 173 10.26 -22.22 40.01
CA ASN C 173 9.78 -23.07 38.92
C ASN C 173 8.90 -24.20 39.43
N SER C 174 8.02 -24.71 38.57
CA SER C 174 7.14 -25.83 38.92
C SER C 174 6.59 -26.57 37.70
N ALA C 175 6.65 -27.89 37.74
CA ALA C 175 6.02 -28.76 36.73
C ALA C 175 5.13 -29.80 37.41
N VAL C 176 4.06 -30.22 36.74
CA VAL C 176 3.08 -31.14 37.34
C VAL C 176 2.89 -32.40 36.50
N ALA C 177 2.75 -33.53 37.19
CA ALA C 177 2.48 -34.82 36.53
C ALA C 177 1.37 -35.61 37.22
N TRP C 178 0.58 -36.33 36.42
CA TRP C 178 -0.43 -37.26 36.93
C TRP C 178 -0.68 -38.38 35.91
N SER C 179 -1.14 -39.53 36.39
CA SER C 179 -1.39 -40.68 35.53
C SER C 179 -2.67 -41.40 35.92
N ASN C 180 -3.50 -41.71 34.92
CA ASN C 180 -4.72 -42.49 35.13
C ASN C 180 -4.40 -43.85 35.77
N LYS C 181 -3.33 -44.48 35.30
CA LYS C 181 -2.85 -45.75 35.81
C LYS C 181 -2.13 -45.56 37.15
N ASP C 183 -0.09 -47.42 40.32
CA ASP C 183 1.10 -48.02 39.72
C ASP C 183 2.07 -46.96 39.22
N PHE C 184 1.70 -45.70 39.44
CA PHE C 184 2.49 -44.56 39.02
C PHE C 184 3.02 -43.84 40.24
N ALA C 185 4.34 -43.92 40.44
CA ALA C 185 5.00 -43.30 41.59
C ALA C 185 5.48 -41.88 41.27
N CYS C 186 5.41 -40.99 42.24
CA CYS C 186 5.92 -39.65 42.05
C CYS C 186 7.45 -39.59 42.07
N ALA C 187 8.07 -40.57 42.71
CA ALA C 187 9.52 -40.72 42.65
C ALA C 187 9.99 -40.96 41.22
N ASN C 188 9.25 -41.76 40.47
CA ASN C 188 9.62 -42.03 39.08
C ASN C 188 8.56 -41.63 38.07
N ALA C 189 8.42 -40.32 37.94
CA ALA C 189 7.46 -39.69 37.05
C ALA C 189 8.24 -38.86 36.05
N PHE C 190 9.06 -37.94 36.56
CA PHE C 190 9.87 -37.08 35.72
C PHE C 190 11.11 -37.84 35.22
N ASN C 191 10.97 -39.16 35.11
CA ASN C 191 12.06 -40.06 34.72
C ASN C 191 12.61 -39.82 33.31
N ASN C 192 11.92 -38.99 32.53
CA ASN C 192 12.36 -38.68 31.16
C ASN C 192 13.10 -37.33 31.06
N SER C 193 13.08 -36.58 32.15
CA SER C 193 13.82 -35.32 32.25
C SER C 193 15.21 -35.54 32.85
N ILE C 194 16.04 -34.50 32.80
CA ILE C 194 17.30 -34.48 33.54
C ILE C 194 17.01 -33.95 34.94
N ILE C 195 16.93 -34.85 35.91
CA ILE C 195 16.70 -34.50 37.29
C ILE C 195 18.03 -34.21 38.01
N PRO C 196 18.06 -33.18 38.87
CA PRO C 196 19.27 -32.89 39.66
C PRO C 196 19.69 -34.06 40.57
N GLU C 197 20.90 -34.00 41.10
CA GLU C 197 21.37 -35.02 42.04
C GLU C 197 20.73 -34.81 43.42
N ASP C 198 20.73 -33.55 43.86
CA ASP C 198 20.25 -33.19 45.19
C ASP C 198 18.72 -32.98 45.25
N THR C 199 18.00 -33.81 44.50
CA THR C 199 16.55 -33.70 44.42
C THR C 199 15.91 -34.41 45.61
N PHE C 200 14.85 -33.80 46.15
CA PHE C 200 14.20 -34.28 47.37
C PHE C 200 13.03 -35.19 47.03
N PHE C 201 13.14 -36.45 47.42
CA PHE C 201 12.16 -37.48 47.10
C PHE C 201 11.60 -38.15 48.35
N PRO C 202 10.61 -37.50 48.99
CA PRO C 202 9.99 -37.92 50.24
C PRO C 202 9.16 -39.20 50.10
N SER C 203 9.45 -40.20 50.92
CA SER C 203 8.64 -41.43 50.96
C SER C 203 7.19 -41.08 51.30
N PRO C 204 6.23 -41.75 50.63
CA PRO C 204 4.81 -41.42 50.76
C PRO C 204 4.08 -42.35 51.73
N ALA D 3 -10.12 3.86 23.59
CA ALA D 3 -10.12 2.37 23.66
C ALA D 3 -10.93 1.72 22.55
N VAL D 4 -10.55 0.51 22.16
CA VAL D 4 -11.31 -0.28 21.17
C VAL D 4 -11.89 -1.51 21.89
N THR D 5 -13.15 -1.82 21.60
CA THR D 5 -13.84 -2.93 22.25
C THR D 5 -14.45 -3.88 21.23
N GLN D 6 -14.30 -5.17 21.47
CA GLN D 6 -14.86 -6.20 20.60
C GLN D 6 -15.81 -7.09 21.38
N SER D 7 -16.96 -7.40 20.76
CA SER D 7 -17.86 -8.43 21.29
C SER D 7 -18.33 -9.32 20.14
N PRO D 8 -18.34 -10.65 20.34
CA PRO D 8 -17.97 -11.32 21.59
C PRO D 8 -16.46 -11.37 21.80
N ARG D 9 -16.02 -11.92 22.94
CA ARG D 9 -14.60 -12.13 23.19
C ARG D 9 -14.15 -13.52 22.74
N ASN D 10 -14.98 -14.54 23.04
CA ASN D 10 -14.77 -15.91 22.57
C ASN D 10 -16.04 -16.46 21.93
N LYS D 11 -15.89 -17.30 20.90
CA LYS D 11 -17.03 -17.90 20.21
C LYS D 11 -16.73 -19.27 19.62
N VAL D 12 -17.59 -20.24 19.93
CA VAL D 12 -17.55 -21.56 19.31
C VAL D 12 -18.66 -21.68 18.27
N ALA D 13 -18.27 -21.90 17.01
CA ALA D 13 -19.21 -21.93 15.88
C ALA D 13 -19.23 -23.27 15.13
N VAL D 14 -20.36 -23.56 14.49
CA VAL D 14 -20.53 -24.79 13.71
C VAL D 14 -20.24 -24.51 12.23
N THR D 15 -19.70 -25.51 11.53
CA THR D 15 -19.47 -25.42 10.09
C THR D 15 -20.78 -25.12 9.35
N GLY D 16 -20.78 -24.01 8.60
CA GLY D 16 -21.96 -23.57 7.87
C GLY D 16 -22.86 -22.65 8.68
N GLY D 17 -22.42 -22.30 9.89
CA GLY D 17 -23.17 -21.40 10.77
C GLY D 17 -22.85 -19.95 10.48
N LYS D 18 -23.70 -19.05 11.01
CA LYS D 18 -23.54 -17.61 10.79
C LYS D 18 -22.93 -16.92 12.00
N VAL D 19 -21.65 -16.58 11.89
CA VAL D 19 -20.92 -15.90 12.97
C VAL D 19 -20.70 -14.43 12.63
N THR D 20 -20.88 -13.58 13.64
CA THR D 20 -20.72 -12.13 13.49
C THR D 20 -19.85 -11.61 14.62
N LEU D 21 -18.86 -10.79 14.29
CA LEU D 21 -17.96 -10.21 15.29
C LEU D 21 -18.07 -8.68 15.32
N SER D 22 -18.82 -8.16 16.27
CA SER D 22 -19.01 -6.71 16.39
C SER D 22 -17.78 -6.03 16.98
N CYS D 23 -17.48 -4.83 16.49
CA CYS D 23 -16.36 -4.03 16.99
C CYS D 23 -16.80 -2.59 17.24
N ASN D 24 -16.28 -2.01 18.32
CA ASN D 24 -16.69 -0.68 18.74
C ASN D 24 -15.55 0.20 19.24
N GLN D 25 -15.66 1.49 18.94
CA GLN D 25 -14.72 2.50 19.43
C GLN D 25 -15.42 3.85 19.56
N THR D 26 -15.06 4.61 20.59
CA THR D 26 -15.63 5.93 20.82
C THR D 26 -14.58 7.03 20.71
N ASN D 27 -13.47 6.74 20.02
CA ASN D 27 -12.38 7.70 19.82
C ASN D 27 -12.61 8.61 18.61
N ASN D 28 -13.81 8.54 18.05
CA ASN D 28 -14.24 9.40 16.92
C ASN D 28 -13.31 9.29 15.72
N HIS D 29 -12.94 8.06 15.37
CA HIS D 29 -12.07 7.82 14.22
C HIS D 29 -12.84 7.73 12.91
N ASN D 30 -12.14 7.43 11.82
CA ASN D 30 -12.76 7.32 10.50
C ASN D 30 -12.31 6.07 9.74
N ASN D 31 -11.12 5.58 10.05
CA ASN D 31 -10.60 4.36 9.44
C ASN D 31 -10.65 3.19 10.40
N MET D 32 -11.26 2.08 9.97
CA MET D 32 -11.41 0.90 10.81
C MET D 32 -11.02 -0.38 10.08
N TYR D 33 -10.24 -1.21 10.75
CA TYR D 33 -9.60 -2.36 10.10
C TYR D 33 -9.95 -3.66 10.81
N TRP D 34 -10.09 -4.74 10.03
CA TRP D 34 -10.22 -6.09 10.57
C TRP D 34 -8.99 -6.92 10.24
N TYR D 35 -8.47 -7.64 11.24
CA TYR D 35 -7.28 -8.47 11.04
C TYR D 35 -7.44 -9.90 11.55
N ARG D 36 -6.65 -10.81 10.98
CA ARG D 36 -6.61 -12.19 11.40
C ARG D 36 -5.19 -12.55 11.84
N GLN D 37 -5.08 -13.24 12.97
CA GLN D 37 -3.78 -13.71 13.46
C GLN D 37 -3.69 -15.23 13.55
N ASP D 38 -2.69 -15.79 12.88
CA ASP D 38 -2.40 -17.22 12.90
C ASP D 38 -0.90 -17.44 13.10
N THR D 39 -0.52 -18.51 13.78
CA THR D 39 0.89 -18.74 14.12
C THR D 39 1.80 -18.75 12.89
N GLY D 40 3.04 -18.28 13.10
CA GLY D 40 4.02 -18.14 12.01
C GLY D 40 3.52 -17.33 10.83
N HIS D 41 2.86 -16.21 11.10
CA HIS D 41 2.27 -15.39 10.04
C HIS D 41 2.40 -13.89 10.22
N GLY D 42 1.87 -13.36 11.32
CA GLY D 42 1.73 -11.92 11.45
C GLY D 42 0.36 -11.52 10.94
N LEU D 43 -0.13 -10.36 11.38
CA LEU D 43 -1.50 -9.96 11.10
C LEU D 43 -1.71 -9.70 9.61
N ARG D 44 -2.86 -10.15 9.12
CA ARG D 44 -3.26 -9.95 7.73
C ARG D 44 -4.60 -9.21 7.69
N LEU D 45 -4.75 -8.33 6.69
CA LEU D 45 -5.95 -7.50 6.57
C LEU D 45 -7.07 -8.25 5.84
N ILE D 46 -8.28 -8.19 6.39
CA ILE D 46 -9.42 -8.88 5.80
C ILE D 46 -10.35 -7.91 5.07
N HIS D 47 -10.87 -6.93 5.81
CA HIS D 47 -11.66 -5.83 5.26
C HIS D 47 -11.30 -4.54 5.99
N TYR D 48 -11.56 -3.39 5.37
CA TYR D 48 -11.28 -2.10 6.00
C TYR D 48 -12.26 -1.03 5.53
N SER D 49 -12.39 0.05 6.30
CA SER D 49 -13.40 1.06 6.00
C SER D 49 -12.88 2.49 6.19
N TYR D 50 -12.98 3.27 5.12
CA TYR D 50 -12.52 4.67 5.12
C TYR D 50 -13.53 5.63 5.75
N GLY D 51 -14.60 5.08 6.32
CA GLY D 51 -15.64 5.90 6.93
C GLY D 51 -16.97 5.18 7.03
N ALA D 52 -18.00 5.93 7.40
CA ALA D 52 -19.36 5.41 7.52
C ALA D 52 -19.91 5.00 6.17
N GLY D 53 -20.71 3.93 6.16
CA GLY D 53 -21.30 3.39 4.94
C GLY D 53 -20.30 2.94 3.89
N SER D 54 -19.16 2.41 4.34
CA SER D 54 -18.07 2.02 3.43
C SER D 54 -17.49 0.65 3.76
N THR D 55 -17.14 -0.10 2.73
CA THR D 55 -16.49 -1.42 2.89
C THR D 55 -15.54 -1.69 1.74
N GLU D 56 -14.35 -2.18 2.07
CA GLU D 56 -13.30 -2.42 1.08
C GLU D 56 -12.55 -3.72 1.35
N LYS D 57 -12.46 -4.57 0.33
CA LYS D 57 -11.75 -5.84 0.42
C LYS D 57 -10.26 -5.61 0.70
N GLY D 58 -9.74 -6.34 1.68
CA GLY D 58 -8.32 -6.27 2.03
C GLY D 58 -7.50 -7.26 1.22
N ASP D 59 -6.62 -7.99 1.89
CA ASP D 59 -5.77 -8.97 1.22
C ASP D 59 -6.35 -10.38 1.29
N ILE D 60 -6.94 -10.74 2.44
CA ILE D 60 -7.63 -12.03 2.58
C ILE D 60 -9.13 -11.87 2.91
N PRO D 61 -9.96 -11.59 1.88
CA PRO D 61 -11.38 -11.30 2.11
C PRO D 61 -12.37 -12.46 1.82
N ASP D 62 -11.86 -13.58 1.31
CA ASP D 62 -12.70 -14.70 0.89
C ASP D 62 -13.37 -15.41 2.08
N GLY D 63 -14.68 -15.23 2.19
CA GLY D 63 -15.46 -15.86 3.26
C GLY D 63 -15.98 -14.86 4.28
N TYR D 64 -15.64 -13.59 4.09
CA TYR D 64 -15.97 -12.54 5.05
C TYR D 64 -16.67 -11.36 4.39
N LYS D 65 -17.64 -10.79 5.09
CA LYS D 65 -18.31 -9.56 4.66
C LYS D 65 -18.24 -8.52 5.78
N ALA D 66 -17.79 -7.31 5.44
CA ALA D 66 -17.76 -6.22 6.40
C ALA D 66 -18.99 -5.31 6.24
N SER D 67 -19.34 -4.60 7.31
CA SER D 67 -20.44 -3.64 7.27
C SER D 67 -20.21 -2.50 8.26
N ARG D 68 -20.56 -1.29 7.84
CA ARG D 68 -20.44 -0.13 8.70
C ARG D 68 -21.69 0.75 8.63
N PRO D 69 -22.59 0.64 9.62
CA PRO D 69 -23.80 1.47 9.69
C PRO D 69 -23.55 2.82 10.38
N SER D 70 -22.53 2.87 11.23
CA SER D 70 -22.17 4.08 11.96
C SER D 70 -20.65 4.25 11.98
N GLN D 71 -20.19 5.44 12.33
CA GLN D 71 -18.75 5.72 12.45
C GLN D 71 -18.16 4.94 13.63
N GLU D 72 -18.92 4.85 14.72
CA GLU D 72 -18.45 4.24 15.96
C GLU D 72 -18.31 2.71 15.90
N ASN D 73 -19.08 2.06 15.03
CA ASN D 73 -19.12 0.59 14.98
C ASN D 73 -18.85 -0.04 13.61
N PHE D 74 -18.16 -1.19 13.62
CA PHE D 74 -17.70 -1.87 12.40
C PHE D 74 -17.72 -3.39 12.56
N SER D 75 -18.62 -4.04 11.82
CA SER D 75 -18.89 -5.48 12.00
C SER D 75 -18.33 -6.35 10.86
N LEU D 76 -18.10 -7.61 11.19
CA LEU D 76 -17.55 -8.60 10.27
C LEU D 76 -18.42 -9.86 10.26
N ILE D 77 -18.93 -10.21 9.08
CA ILE D 77 -19.88 -11.31 8.94
C ILE D 77 -19.27 -12.51 8.20
N LEU D 78 -19.28 -13.67 8.87
CA LEU D 78 -18.95 -14.93 8.20
C LEU D 78 -20.26 -15.63 7.84
N GLU D 79 -20.64 -15.54 6.56
CA GLU D 79 -21.92 -16.05 6.08
C GLU D 79 -22.04 -17.56 6.30
N LEU D 80 -21.10 -18.31 5.74
CA LEU D 80 -21.00 -19.75 5.95
C LEU D 80 -19.66 -20.04 6.61
N ALA D 81 -19.71 -20.35 7.91
CA ALA D 81 -18.50 -20.57 8.71
C ALA D 81 -17.76 -21.84 8.31
N THR D 82 -16.43 -21.75 8.29
CA THR D 82 -15.59 -22.86 7.85
C THR D 82 -14.57 -23.19 8.94
N PRO D 83 -14.24 -24.49 9.09
CA PRO D 83 -13.15 -24.91 9.99
C PRO D 83 -11.83 -24.23 9.65
N SER D 84 -11.69 -23.78 8.41
CA SER D 84 -10.48 -23.11 7.95
C SER D 84 -10.37 -21.66 8.46
N GLN D 85 -11.38 -21.19 9.20
CA GLN D 85 -11.42 -19.81 9.67
C GLN D 85 -11.29 -19.68 11.19
N THR D 86 -10.80 -20.74 11.83
CA THR D 86 -10.50 -20.73 13.26
C THR D 86 -9.22 -19.94 13.49
N SER D 87 -9.35 -18.79 14.12
CA SER D 87 -8.22 -17.90 14.40
C SER D 87 -8.54 -16.92 15.53
N VAL D 88 -7.68 -15.93 15.69
CA VAL D 88 -7.91 -14.81 16.61
C VAL D 88 -8.06 -13.57 15.77
N TYR D 89 -9.18 -12.88 15.90
CA TYR D 89 -9.45 -11.70 15.07
C TYR D 89 -9.31 -10.39 15.86
N PHE D 90 -8.67 -9.41 15.23
CA PHE D 90 -8.44 -8.11 15.86
C PHE D 90 -9.13 -6.99 15.09
N CYS D 91 -9.53 -5.95 15.82
CA CYS D 91 -10.13 -4.77 15.23
C CYS D 91 -9.35 -3.52 15.58
N ALA D 92 -8.93 -2.76 14.57
CA ALA D 92 -8.12 -1.55 14.77
C ALA D 92 -8.80 -0.28 14.26
N SER D 93 -8.24 0.87 14.61
CA SER D 93 -8.79 2.16 14.18
C SER D 93 -7.73 3.26 14.10
N GLY D 94 -8.02 4.28 13.29
CA GLY D 94 -7.09 5.39 13.07
C GLY D 94 -7.79 6.57 12.42
N ASP D 95 -7.10 7.72 12.40
CA ASP D 95 -7.67 8.95 11.84
C ASP D 95 -7.24 9.16 10.40
N ALA D 101 -0.57 8.00 10.35
CA ALA D 101 -1.66 7.22 10.95
C ALA D 101 -1.17 6.39 12.13
N GLU D 102 -1.91 6.45 13.23
CA GLU D 102 -1.62 5.66 14.41
C GLU D 102 -2.75 4.65 14.63
N GLN D 103 -2.51 3.40 14.25
CA GLN D 103 -3.53 2.36 14.37
C GLN D 103 -3.62 1.84 15.80
N PHE D 104 -4.81 1.96 16.39
CA PHE D 104 -5.05 1.46 17.75
C PHE D 104 -5.88 0.18 17.70
N PHE D 105 -5.41 -0.84 18.39
CA PHE D 105 -5.95 -2.19 18.26
C PHE D 105 -6.85 -2.60 19.42
N GLY D 106 -7.72 -3.58 19.16
CA GLY D 106 -8.65 -4.08 20.17
C GLY D 106 -8.14 -5.33 20.86
N PRO D 107 -8.92 -5.85 21.84
CA PRO D 107 -8.54 -6.99 22.70
C PRO D 107 -8.38 -8.31 21.95
N GLY D 108 -9.07 -8.47 20.82
CA GLY D 108 -8.98 -9.68 20.01
C GLY D 108 -10.03 -10.74 20.38
N THR D 109 -10.64 -11.31 19.35
CA THR D 109 -11.67 -12.34 19.50
C THR D 109 -11.17 -13.75 19.12
N ARG D 110 -11.38 -14.71 20.03
CA ARG D 110 -11.05 -16.11 19.75
C ARG D 110 -12.28 -16.82 19.19
N LEU D 111 -12.25 -17.09 17.89
CA LEU D 111 -13.31 -17.82 17.23
C LEU D 111 -12.82 -19.21 16.83
N THR D 112 -13.41 -20.23 17.46
CA THR D 112 -13.16 -21.62 17.09
C THR D 112 -14.35 -22.12 16.28
N VAL D 113 -14.09 -22.63 15.08
CA VAL D 113 -15.14 -23.16 14.22
C VAL D 113 -15.01 -24.68 14.05
N LEU D 114 -15.98 -25.42 14.57
CA LEU D 114 -15.91 -26.88 14.60
C LEU D 114 -16.84 -27.55 13.59
N GLU D 115 -16.50 -28.79 13.22
CA GLU D 115 -17.32 -29.61 12.33
C GLU D 115 -18.54 -30.18 13.06
N ASP D 116 -18.29 -30.86 14.17
CA ASP D 116 -19.35 -31.48 14.96
C ASP D 116 -19.36 -30.96 16.40
N LEU D 117 -20.50 -30.38 16.80
CA LEU D 117 -20.70 -29.89 18.16
C LEU D 117 -20.87 -31.03 19.18
N LYS D 118 -20.91 -32.27 18.69
CA LYS D 118 -21.02 -33.45 19.56
C LYS D 118 -19.67 -33.85 20.19
N ASN D 119 -18.64 -33.04 19.94
CA ASN D 119 -17.31 -33.28 20.51
C ASN D 119 -16.92 -32.27 21.60
N VAL D 120 -17.83 -31.35 21.91
CA VAL D 120 -17.59 -30.29 22.90
C VAL D 120 -17.88 -30.75 24.33
N PHE D 121 -16.90 -30.53 25.23
CA PHE D 121 -17.00 -30.89 26.63
C PHE D 121 -16.54 -29.76 27.57
N PRO D 122 -17.23 -29.59 28.72
CA PRO D 122 -16.80 -28.69 29.78
C PRO D 122 -15.62 -29.31 30.53
N PRO D 123 -15.00 -28.58 31.47
CA PRO D 123 -13.92 -29.22 32.21
C PRO D 123 -14.35 -29.81 33.57
N GLU D 124 -13.66 -30.84 34.00
CA GLU D 124 -13.77 -31.35 35.36
C GLU D 124 -12.62 -30.73 36.16
N VAL D 125 -12.96 -30.02 37.24
CA VAL D 125 -11.96 -29.27 38.01
C VAL D 125 -11.72 -29.91 39.37
N ALA D 126 -10.47 -29.96 39.82
CA ALA D 126 -10.10 -30.59 41.09
C ALA D 126 -8.89 -29.95 41.74
N VAL D 127 -9.06 -29.37 42.93
CA VAL D 127 -7.93 -28.77 43.66
C VAL D 127 -7.20 -29.82 44.48
N PHE D 128 -5.89 -29.91 44.28
CA PHE D 128 -5.05 -30.81 45.05
C PHE D 128 -4.40 -30.05 46.20
N GLU D 129 -4.39 -30.66 47.38
CA GLU D 129 -3.93 -29.99 48.60
C GLU D 129 -2.44 -30.23 48.86
N PRO D 130 -1.78 -29.28 49.56
CA PRO D 130 -0.34 -29.31 49.81
C PRO D 130 0.11 -30.54 50.59
N SER D 131 1.30 -31.03 50.29
CA SER D 131 1.87 -32.15 51.01
C SER D 131 2.53 -31.65 52.28
N GLU D 132 2.32 -32.38 53.38
CA GLU D 132 2.95 -32.04 54.65
C GLU D 132 4.47 -31.93 54.50
N ALA D 133 5.06 -32.85 53.73
CA ALA D 133 6.49 -32.82 53.44
C ALA D 133 6.97 -31.48 52.89
N GLU D 134 6.20 -30.88 51.98
CA GLU D 134 6.51 -29.54 51.48
C GLU D 134 6.42 -28.47 52.58
N ILE D 135 5.40 -28.60 53.43
CA ILE D 135 5.20 -27.65 54.52
C ILE D 135 6.33 -27.75 55.54
N SER D 136 6.84 -28.97 55.71
CA SER D 136 7.88 -29.23 56.70
C SER D 136 9.30 -29.07 56.15
N HIS D 137 9.44 -28.53 54.95
CA HIS D 137 10.76 -28.38 54.34
C HIS D 137 11.05 -26.97 53.80
N THR D 138 9.99 -26.19 53.57
CA THR D 138 10.12 -24.89 52.93
C THR D 138 9.45 -23.75 53.68
N GLN D 139 8.48 -24.10 54.51
CA GLN D 139 7.60 -23.13 55.18
C GLN D 139 6.76 -22.38 54.15
N LYS D 140 6.33 -23.14 53.12
CA LYS D 140 5.43 -22.67 52.08
C LYS D 140 4.57 -23.84 51.62
N ALA D 141 3.35 -23.54 51.16
CA ALA D 141 2.44 -24.57 50.66
C ALA D 141 2.04 -24.28 49.22
N THR D 142 1.96 -25.31 48.40
CA THR D 142 1.54 -25.15 47.00
C THR D 142 0.21 -25.85 46.78
N LEU D 143 -0.74 -25.16 46.19
CA LEU D 143 -1.99 -25.77 45.77
C LEU D 143 -2.02 -25.91 44.27
N VAL D 144 -2.41 -27.09 43.80
CA VAL D 144 -2.44 -27.39 42.38
C VAL D 144 -3.89 -27.50 41.96
N CYS D 145 -4.20 -26.94 40.79
CA CYS D 145 -5.52 -27.08 40.22
C CYS D 145 -5.40 -27.77 38.87
N LEU D 146 -6.35 -28.65 38.58
CA LEU D 146 -6.31 -29.40 37.35
C LEU D 146 -7.69 -29.42 36.69
N ALA D 147 -7.80 -28.73 35.55
CA ALA D 147 -9.03 -28.72 34.77
C ALA D 147 -8.80 -29.60 33.56
N THR D 148 -9.50 -30.73 33.48
CA THR D 148 -9.21 -31.75 32.47
C THR D 148 -10.43 -32.21 31.68
N GLY D 149 -10.16 -32.90 30.58
CA GLY D 149 -11.19 -33.49 29.72
C GLY D 149 -12.16 -32.47 29.17
N PHE D 150 -11.63 -31.53 28.39
CA PHE D 150 -12.42 -30.44 27.84
C PHE D 150 -11.98 -30.08 26.42
N TYR D 151 -12.96 -29.73 25.59
CA TYR D 151 -12.76 -29.39 24.19
C TYR D 151 -13.90 -28.48 23.76
N PRO D 152 -13.60 -27.40 23.01
CA PRO D 152 -12.28 -26.95 22.55
C PRO D 152 -11.51 -26.25 23.67
N ASP D 153 -10.31 -25.76 23.37
CA ASP D 153 -9.50 -25.06 24.39
C ASP D 153 -9.85 -23.58 24.51
N HIS D 154 -10.79 -23.30 25.41
CA HIS D 154 -11.36 -21.97 25.64
C HIS D 154 -11.59 -21.78 27.13
N VAL D 155 -10.50 -21.70 27.90
CA VAL D 155 -10.59 -21.58 29.37
C VAL D 155 -9.71 -20.47 29.95
N GLU D 156 -10.15 -19.94 31.09
CA GLU D 156 -9.41 -18.92 31.84
C GLU D 156 -9.50 -19.24 33.32
N LEU D 157 -8.43 -19.84 33.85
CA LEU D 157 -8.39 -20.30 35.24
C LEU D 157 -7.92 -19.21 36.20
N SER D 158 -8.76 -18.88 37.18
CA SER D 158 -8.40 -17.91 38.23
C SER D 158 -8.49 -18.50 39.64
N TRP D 159 -7.60 -18.05 40.52
CA TRP D 159 -7.62 -18.46 41.93
C TRP D 159 -8.41 -17.47 42.78
N TRP D 160 -9.00 -17.99 43.86
CA TRP D 160 -9.87 -17.20 44.72
C TRP D 160 -9.64 -17.50 46.20
N VAL D 161 -9.38 -16.44 46.98
CA VAL D 161 -9.17 -16.56 48.41
C VAL D 161 -10.28 -15.84 49.19
N ASN D 162 -11.10 -16.62 49.90
CA ASN D 162 -12.15 -16.10 50.78
C ASN D 162 -13.24 -15.27 50.10
N GLY D 163 -13.14 -15.12 48.79
CA GLY D 163 -14.09 -14.30 48.03
C GLY D 163 -13.41 -13.24 47.17
N LYS D 164 -12.09 -13.14 47.29
CA LYS D 164 -11.28 -12.22 46.48
C LYS D 164 -10.33 -13.02 45.60
N GLU D 165 -10.03 -12.48 44.42
CA GLU D 165 -9.19 -13.17 43.44
C GLU D 165 -7.71 -12.81 43.60
N VAL D 166 -6.88 -13.81 43.87
CA VAL D 166 -5.43 -13.59 44.06
C VAL D 166 -4.64 -13.53 42.76
N HIS D 167 -3.67 -12.61 42.72
CA HIS D 167 -2.71 -12.52 41.62
C HIS D 167 -1.31 -12.96 42.08
N SER D 168 -0.98 -12.66 43.34
CA SER D 168 0.34 -12.99 43.86
C SER D 168 0.47 -14.47 44.18
N GLY D 169 1.55 -15.07 43.68
CA GLY D 169 1.86 -16.49 43.92
C GLY D 169 1.30 -17.43 42.86
N VAL D 170 0.73 -16.86 41.81
CA VAL D 170 0.05 -17.65 40.78
C VAL D 170 0.91 -17.90 39.55
N CYS D 171 0.93 -19.16 39.13
CA CYS D 171 1.52 -19.58 37.88
C CYS D 171 0.47 -20.39 37.14
N THR D 172 0.38 -20.20 35.83
CA THR D 172 -0.58 -20.95 35.01
C THR D 172 0.11 -21.36 33.72
N ASP D 173 -0.24 -22.54 33.22
CA ASP D 173 0.31 -23.09 31.98
C ASP D 173 0.32 -22.09 30.82
N PRO D 174 1.42 -22.05 30.07
CA PRO D 174 1.42 -21.26 28.84
C PRO D 174 0.31 -21.75 27.93
N GLN D 175 0.38 -23.02 27.51
CA GLN D 175 -0.60 -23.63 26.61
C GLN D 175 -1.07 -24.98 27.16
N PRO D 176 -2.36 -25.34 26.94
CA PRO D 176 -2.94 -26.60 27.40
C PRO D 176 -2.23 -27.86 26.90
N LEU D 177 -2.41 -28.96 27.62
CA LEU D 177 -1.86 -30.25 27.23
C LEU D 177 -2.95 -31.08 26.58
N LYS D 178 -2.68 -31.59 25.39
CA LYS D 178 -3.61 -32.48 24.70
C LYS D 178 -3.54 -33.86 25.35
N GLU D 179 -4.71 -34.36 25.76
CA GLU D 179 -4.80 -35.68 26.41
C GLU D 179 -4.50 -36.86 25.49
N GLN D 180 -4.59 -36.66 24.18
CA GLN D 180 -4.26 -37.69 23.21
C GLN D 180 -3.47 -37.11 22.03
N PRO D 181 -2.13 -37.21 22.09
CA PRO D 181 -1.25 -36.69 21.04
C PRO D 181 -1.32 -37.49 19.75
N ALA D 182 -1.70 -38.77 19.84
CA ALA D 182 -1.81 -39.63 18.67
C ALA D 182 -3.17 -39.51 17.97
N LEU D 183 -3.89 -38.43 18.27
CA LEU D 183 -5.19 -38.13 17.65
C LEU D 183 -5.28 -36.66 17.23
N ASN D 184 -6.37 -36.31 16.54
CA ASN D 184 -6.60 -34.93 16.10
C ASN D 184 -7.61 -34.20 16.99
N ASP D 185 -8.83 -34.71 17.05
CA ASP D 185 -9.93 -34.09 17.81
C ASP D 185 -9.86 -34.29 19.34
N SER D 186 -8.66 -34.58 19.84
CA SER D 186 -8.40 -34.83 21.26
C SER D 186 -8.89 -33.74 22.22
N ARG D 187 -9.28 -34.15 23.42
CA ARG D 187 -9.63 -33.22 24.48
C ARG D 187 -8.38 -32.74 25.21
N TYR D 188 -8.48 -31.62 25.88
CA TYR D 188 -7.31 -31.00 26.52
C TYR D 188 -7.27 -31.13 28.04
N ALA D 189 -6.25 -30.53 28.65
CA ALA D 189 -6.09 -30.46 30.12
C ALA D 189 -5.25 -29.23 30.46
N LEU D 190 -5.50 -28.66 31.64
CA LEU D 190 -4.81 -27.44 32.07
C LEU D 190 -4.54 -27.45 33.57
N SER D 191 -3.35 -26.98 33.97
CA SER D 191 -2.95 -26.91 35.37
C SER D 191 -2.70 -25.48 35.83
N SER D 192 -2.79 -25.27 37.15
CA SER D 192 -2.50 -23.96 37.75
C SER D 192 -2.05 -24.10 39.20
N ARG D 193 -1.31 -23.11 39.67
CA ARG D 193 -0.64 -23.22 40.96
C ARG D 193 -0.72 -21.94 41.79
N LEU D 194 -1.02 -22.11 43.07
CA LEU D 194 -1.06 -21.00 44.01
C LEU D 194 -0.25 -21.36 45.22
N ARG D 195 0.86 -20.65 45.41
CA ARG D 195 1.76 -20.94 46.52
C ARG D 195 1.74 -19.85 47.58
N VAL D 196 1.19 -20.23 48.74
CA VAL D 196 1.10 -19.37 49.90
C VAL D 196 2.12 -19.81 50.94
N SER D 197 2.26 -19.03 52.01
CA SER D 197 3.11 -19.42 53.14
C SER D 197 2.46 -20.57 53.94
N ALA D 198 3.30 -21.28 54.70
CA ALA D 198 2.84 -22.42 55.49
C ALA D 198 1.87 -22.00 56.60
N THR D 199 2.15 -20.86 57.24
CA THR D 199 1.29 -20.37 58.31
C THR D 199 -0.06 -19.88 57.79
N PHE D 200 -0.11 -19.52 56.52
CA PHE D 200 -1.36 -19.16 55.87
C PHE D 200 -2.23 -20.38 55.60
N TRP D 201 -1.62 -21.44 55.09
CA TRP D 201 -2.32 -22.69 54.80
C TRP D 201 -2.81 -23.42 56.06
N GLN D 202 -2.10 -23.25 57.16
CA GLN D 202 -2.44 -23.91 58.42
C GLN D 202 -3.60 -23.24 59.16
N ASN D 203 -4.10 -22.15 58.59
CA ASN D 203 -5.23 -21.44 59.15
C ASN D 203 -6.54 -22.05 58.67
N PRO D 204 -7.42 -22.45 59.60
CA PRO D 204 -8.72 -23.02 59.27
C PRO D 204 -9.67 -22.04 58.59
N ARG D 205 -9.66 -20.78 59.04
CA ARG D 205 -10.58 -19.76 58.55
C ARG D 205 -10.33 -19.33 57.09
N ASN D 206 -9.19 -19.78 56.54
CA ASN D 206 -8.82 -19.47 55.16
C ASN D 206 -9.48 -20.40 54.15
N HIS D 207 -10.00 -19.82 53.08
CA HIS D 207 -10.81 -20.53 52.09
C HIS D 207 -10.21 -20.40 50.68
N PHE D 208 -10.17 -21.52 49.97
CA PHE D 208 -9.55 -21.57 48.65
C PHE D 208 -10.58 -22.05 47.63
N ARG D 209 -10.43 -21.56 46.40
CA ARG D 209 -11.37 -21.88 45.31
C ARG D 209 -10.71 -21.66 43.95
N CYS D 210 -10.59 -22.74 43.18
CA CYS D 210 -10.17 -22.67 41.78
C CYS D 210 -11.39 -22.28 40.97
N GLN D 211 -11.20 -21.49 39.92
CA GLN D 211 -12.32 -21.03 39.11
C GLN D 211 -11.98 -21.12 37.63
N VAL D 212 -12.64 -22.05 36.94
CA VAL D 212 -12.40 -22.26 35.51
C VAL D 212 -13.61 -21.84 34.66
N GLN D 213 -13.40 -20.82 33.84
CA GLN D 213 -14.41 -20.26 32.95
C GLN D 213 -14.25 -20.88 31.56
N PHE D 214 -15.23 -21.67 31.16
CA PHE D 214 -15.18 -22.39 29.89
C PHE D 214 -16.21 -21.83 28.93
N TYR D 215 -15.79 -21.66 27.68
CA TYR D 215 -16.63 -21.08 26.63
C TYR D 215 -17.09 -22.12 25.63
N GLY D 216 -18.38 -22.44 25.65
CA GLY D 216 -18.94 -23.49 24.81
C GLY D 216 -20.16 -23.04 24.01
N LEU D 217 -21.11 -23.96 23.85
CA LEU D 217 -22.33 -23.70 23.11
C LEU D 217 -23.18 -22.61 23.76
N SER D 218 -23.69 -21.70 22.94
CA SER D 218 -24.61 -20.67 23.41
C SER D 218 -26.04 -21.20 23.30
N GLU D 219 -26.86 -20.90 24.31
CA GLU D 219 -28.23 -21.41 24.44
C GLU D 219 -29.15 -21.24 23.21
N ASN D 220 -28.62 -20.62 22.16
CA ASN D 220 -29.32 -20.52 20.87
C ASN D 220 -28.94 -21.65 19.90
N ASP D 221 -28.10 -22.58 20.38
CA ASP D 221 -27.65 -23.73 19.60
C ASP D 221 -28.40 -25.00 19.99
N GLU D 222 -28.90 -25.72 18.99
CA GLU D 222 -29.68 -26.95 19.20
C GLU D 222 -28.81 -28.10 19.68
N TRP D 223 -29.33 -28.85 20.65
CA TRP D 223 -28.61 -29.97 21.26
C TRP D 223 -29.49 -31.22 21.39
N THR D 224 -28.95 -32.37 20.99
CA THR D 224 -29.72 -33.61 20.91
C THR D 224 -29.23 -34.72 21.85
N GLN D 225 -27.91 -34.88 21.95
CA GLN D 225 -27.30 -36.00 22.69
C GLN D 225 -27.86 -36.20 24.10
N ASP D 226 -27.91 -37.46 24.53
CA ASP D 226 -28.56 -37.87 25.79
C ASP D 226 -27.84 -37.43 27.08
N ARG D 227 -26.72 -36.70 26.94
CA ARG D 227 -26.06 -36.12 28.11
C ARG D 227 -26.43 -34.63 28.25
N ALA D 228 -25.77 -33.94 29.19
CA ALA D 228 -26.03 -32.50 29.44
C ALA D 228 -25.51 -31.62 28.31
N LYS D 229 -26.19 -30.51 28.06
CA LYS D 229 -25.78 -29.53 27.05
C LYS D 229 -24.51 -28.79 27.50
N PRO D 230 -23.46 -28.83 26.65
CA PRO D 230 -22.14 -28.29 27.02
C PRO D 230 -22.05 -26.76 26.87
N VAL D 231 -22.85 -26.05 27.66
CA VAL D 231 -22.93 -24.58 27.58
C VAL D 231 -21.71 -23.89 28.19
N THR D 232 -21.61 -22.58 27.96
CA THR D 232 -20.61 -21.75 28.63
C THR D 232 -20.96 -21.68 30.12
N GLN D 233 -19.97 -22.01 30.96
CA GLN D 233 -20.16 -22.13 32.39
C GLN D 233 -18.87 -21.89 33.18
N ILE D 234 -19.02 -21.66 34.47
CA ILE D 234 -17.89 -21.48 35.39
C ILE D 234 -17.84 -22.66 36.35
N VAL D 235 -16.82 -23.50 36.20
CA VAL D 235 -16.67 -24.67 37.08
C VAL D 235 -15.58 -24.37 38.12
N SER D 236 -15.89 -24.66 39.39
CA SER D 236 -15.03 -24.32 40.52
C SER D 236 -14.76 -25.53 41.41
N ALA D 237 -13.51 -25.65 41.86
CA ALA D 237 -13.12 -26.59 42.91
C ALA D 237 -12.69 -25.81 44.15
N GLU D 238 -12.97 -26.37 45.33
CA GLU D 238 -12.68 -25.66 46.57
C GLU D 238 -12.01 -26.52 47.65
N ALA D 239 -11.10 -25.89 48.40
CA ALA D 239 -10.44 -26.51 49.55
C ALA D 239 -10.41 -25.55 50.75
N TRP D 240 -10.10 -26.09 51.93
CA TRP D 240 -10.03 -25.30 53.16
C TRP D 240 -8.73 -25.55 53.92
N GLY D 241 -8.29 -24.52 54.64
CA GLY D 241 -7.10 -24.62 55.48
C GLY D 241 -7.26 -25.58 56.65
N ARG D 242 -6.17 -26.22 57.04
CA ARG D 242 -6.21 -27.24 58.09
C ARG D 242 -5.25 -26.92 59.23
N ALA D 243 -5.70 -27.19 60.46
CA ALA D 243 -4.86 -26.97 61.65
C ALA D 243 -3.92 -28.15 61.87
C1 NAG E . -11.54 -3.03 -16.56
C2 NAG E . -12.07 -4.42 -16.93
C3 NAG E . -12.21 -4.65 -18.44
C4 NAG E . -10.99 -4.19 -19.26
C5 NAG E . -10.28 -2.98 -18.61
C6 NAG E . -9.76 -1.98 -19.63
C7 NAG E . -11.48 -6.08 -15.22
C8 NAG E . -10.49 -7.14 -14.80
N2 NAG E . -11.22 -5.47 -16.38
O3 NAG E . -13.38 -4.01 -18.90
O4 NAG E . -10.09 -5.28 -19.38
O5 NAG E . -11.16 -2.32 -17.73
O6 NAG E . -10.79 -1.15 -20.11
O7 NAG E . -12.45 -5.83 -14.51
C1 NAG E . -9.60 -5.52 -20.73
C2 NAG E . -10.40 -6.60 -21.46
C3 NAG E . -9.77 -6.91 -22.82
C4 NAG E . -9.41 -5.63 -23.60
C5 NAG E . -8.70 -4.61 -22.71
C6 NAG E . -8.46 -3.29 -23.44
N2 NAG E . -10.48 -7.81 -20.67
O3 NAG E . -10.66 -7.69 -23.58
O4 NAG E . -8.58 -5.96 -24.70
O5 NAG E . -9.49 -4.37 -21.55
O6 NAG E . -7.37 -2.64 -22.83
C1 NAG F . 9.67 27.06 -0.98
C2 NAG F . 9.88 26.93 0.53
C3 NAG F . 8.61 27.28 1.30
C4 NAG F . 7.83 28.50 0.81
C5 NAG F . 7.94 28.66 -0.73
C6 NAG F . 7.55 30.05 -1.21
C7 NAG F . 11.56 25.24 1.10
C8 NAG F . 11.82 23.82 1.50
N2 NAG F . 10.30 25.59 0.91
O3 NAG F . 8.96 27.45 2.66
O4 NAG F . 6.47 28.27 1.14
O5 NAG F . 9.24 28.38 -1.22
O6 NAG F . 7.51 30.05 -2.63
O7 NAG F . 12.51 26.02 0.95
C1 NAG F . 5.80 29.08 2.17
C2 NAG F . 6.61 29.60 3.37
C3 NAG F . 5.72 30.36 4.36
C4 NAG F . 4.75 31.33 3.67
C5 NAG F . 4.06 30.65 2.49
C6 NAG F . 3.13 31.60 1.72
N2 NAG F . 7.25 28.51 4.11
O3 NAG F . 6.50 31.06 5.30
O4 NAG F . 3.80 31.77 4.61
O5 NAG F . 5.05 30.13 1.59
C1 NAG G . 0.73 0.11 -16.52
C2 NAG G . 0.11 -1.17 -17.07
C3 NAG G . -0.14 -2.23 -15.98
C4 NAG G . 1.04 -2.38 -15.04
C5 NAG G . 1.45 -1.01 -14.49
C6 NAG G . 2.70 -1.11 -13.62
C7 NAG G . -1.48 -1.26 -18.97
C8 NAG G . -0.51 -2.09 -19.77
N2 NAG G . -1.14 -0.88 -17.74
O3 NAG G . -0.41 -3.47 -16.60
O4 NAG G . 0.72 -3.28 -13.98
O5 NAG G . 1.75 -0.14 -15.56
O6 NAG G . 3.86 -0.97 -14.41
O7 NAG G . -2.56 -0.97 -19.47
C1 DB6 H . 5.59 8.02 -1.55
C2 DB6 H . 4.75 9.03 -2.34
N2 DB6 H . 5.52 10.27 -2.31
C3 DB6 H . 3.37 9.26 -1.73
O3 DB6 H . 2.59 8.06 -1.91
C4 DB6 H . 2.59 10.44 -2.31
O4 DB6 H . 1.39 10.60 -1.53
C5 DB6 H . 2.23 10.25 -3.78
C6 DB6 H . 1.11 11.19 -4.22
C7 DB6 H . 1.67 12.42 -4.93
C8 DB6 H . 0.60 13.50 -5.02
C9 DB6 H . 0.17 13.74 -6.47
C10 DB6 H . -0.94 14.78 -6.52
C11 DB6 H . -2.25 14.16 -6.96
C12 DB6 H . -3.37 15.17 -6.86
C13 DB6 H . -4.56 14.60 -6.09
C14 DB6 H . -5.75 15.55 -6.14
C15 DB6 H . -6.84 15.02 -7.07
C16 DB6 H . -7.95 14.35 -6.28
C17 DB6 H . -8.55 13.17 -7.04
C18 DB6 H . -8.11 11.85 -6.43
C1A DB6 H . 6.16 8.21 0.87
O1A DB6 H . 5.20 7.91 -0.18
C2A DB6 H . 5.77 8.85 2.16
O2A DB6 H . 4.37 9.14 2.17
C3A DB6 H . 6.56 10.15 2.29
O3A DB6 H . 6.68 10.46 3.68
C4A DB6 H . 7.98 10.16 1.69
O4A DB6 H . 8.20 11.46 1.13
O5A DB6 H . 10.46 9.60 -0.36
C5M DB6 H . 8.32 9.13 0.60
C6A DB6 H . 9.81 8.79 0.62
O6A DB6 H . 7.57 7.91 0.70
CAA DB6 H . 6.35 10.62 -3.30
OAA DB6 H . 6.54 9.93 -4.29
CAB DB6 H . 7.10 11.92 -3.12
CAC DB6 H . 7.49 12.55 -4.46
CAD DB6 H . 6.30 13.29 -5.10
CAE DB6 H . 6.75 14.12 -6.30
CAF DB6 H . 5.63 14.35 -7.31
CAG DB6 H . 6.11 14.03 -8.73
CAH DB6 H . 5.32 14.76 -9.80
CAI DB6 H . 6.11 14.84 -11.11
CAJ DB6 H . 5.24 14.56 -12.32
CAK DB6 H . 6.11 14.32 -13.53
CAL DB6 H . 6.47 13.09 -13.88
CAM DB6 H . 7.35 12.86 -15.09
CAN DB6 H . 8.79 12.65 -14.64
CAO DB6 H . 9.76 13.45 -15.08
CAP DB6 H . 11.19 13.24 -14.63
CAQ DB6 H . 12.11 14.35 -15.15
CAR DB6 H . 12.08 15.57 -14.24
CAS DB6 H . 13.47 16.12 -13.96
CAT DB6 H . 13.47 17.02 -12.74
#